data_4RAO
#
_entry.id   4RAO
#
_cell.length_a   76.602
_cell.length_b   92.853
_cell.length_c   114.849
_cell.angle_alpha   90.00
_cell.angle_beta   90.00
_cell.angle_gamma   90.00
#
_symmetry.space_group_name_H-M   'P 21 21 21'
#
loop_
_entity.id
_entity.type
_entity.pdbx_description
1 polymer 'Hypoxanthine-guanine phosphoribosyltransferase'
2 non-polymer '(2-{[2-(6-oxo-1,6-dihydro-9H-purin-9-yl)ethyl](2-{[(E)-2-phosphonoethenyl]oxy}ethyl)amino}ethyl)phosphonic acid'
3 non-polymer 'MAGNESIUM ION'
4 water water
#
_entity_poly.entity_id   1
_entity_poly.type   'polypeptide(L)'
_entity_poly.pdbx_seq_one_letter_code
;ATRSPGVVISDDEPGYDLDLFCIPNHYAEDLERVFIPHGLIMDRTERLARDVMKEMGGHHIVALCVLKGGYKFFADLLDY
IKALNRNSDRSIPMTVDFIRLKSYCNDQSTGDIKVIGGDDLSTLTGKNVLIVEDIIDTGKTMQTLLSLVRQYNPKMVKVA
SLLVKRTPRSVGYKPDFVGFEIPDKFVVGYALDYNEYFRDLNHVCVISETGKAKYKA
;
_entity_poly.pdbx_strand_id   A,B,C,D
#
# COMPACT_ATOMS: atom_id res chain seq x y z
N ALA A 1 -2.35 30.44 -15.35
CA ALA A 1 -2.00 29.07 -15.72
C ALA A 1 -2.41 28.05 -14.66
N THR A 2 -2.84 26.89 -15.11
CA THR A 2 -3.16 25.78 -14.22
C THR A 2 -1.85 25.21 -13.66
N ARG A 3 -1.68 25.27 -12.34
CA ARG A 3 -0.45 24.83 -11.69
C ARG A 3 -0.15 23.36 -11.98
N SER A 4 -1.19 22.56 -12.15
CA SER A 4 -0.99 21.15 -12.41
C SER A 4 -2.12 20.59 -13.27
N PRO A 5 -2.09 20.88 -14.59
CA PRO A 5 -3.12 20.40 -15.53
C PRO A 5 -3.07 18.88 -15.57
N GLY A 6 -4.15 18.26 -16.04
CA GLY A 6 -4.32 16.85 -15.77
C GLY A 6 -4.05 15.91 -16.91
N VAL A 7 -4.25 14.63 -16.63
CA VAL A 7 -4.21 13.57 -17.63
C VAL A 7 -5.44 13.78 -18.52
N VAL A 8 -5.20 14.03 -19.81
CA VAL A 8 -6.29 14.27 -20.74
C VAL A 8 -6.85 12.94 -21.21
N ILE A 9 -8.11 12.66 -20.86
CA ILE A 9 -8.77 11.45 -21.32
C ILE A 9 -9.64 11.80 -22.54
N SER A 10 -9.37 11.16 -23.67
CA SER A 10 -10.02 11.58 -24.92
C SER A 10 -11.49 11.16 -24.98
N ASP A 11 -12.23 11.78 -25.88
CA ASP A 11 -13.66 11.50 -26.06
C ASP A 11 -13.90 10.05 -26.44
N ASP A 12 -12.95 9.44 -27.15
CA ASP A 12 -13.15 8.07 -27.63
CA ASP A 12 -13.09 8.08 -27.67
C ASP A 12 -12.48 7.03 -26.74
N GLU A 13 -12.08 7.43 -25.55
CA GLU A 13 -11.49 6.50 -24.57
C GLU A 13 -12.47 5.37 -24.30
N PRO A 14 -12.05 4.12 -24.59
CA PRO A 14 -12.97 2.99 -24.47
C PRO A 14 -13.00 2.43 -23.05
N GLY A 15 -12.02 2.79 -22.24
CA GLY A 15 -11.91 2.24 -20.90
C GLY A 15 -11.57 0.76 -20.96
N TYR A 16 -11.74 0.07 -19.85
CA TYR A 16 -11.31 -1.32 -19.70
C TYR A 16 -12.49 -2.24 -19.39
N ASP A 17 -12.43 -3.45 -19.97
CA ASP A 17 -13.37 -4.51 -19.68
C ASP A 17 -13.38 -4.80 -18.19
N LEU A 18 -14.57 -4.86 -17.60
CA LEU A 18 -14.69 -5.07 -16.15
C LEU A 18 -14.05 -6.39 -15.75
N ASP A 19 -14.08 -7.37 -16.67
CA ASP A 19 -13.62 -8.72 -16.37
C ASP A 19 -12.11 -8.81 -16.14
N LEU A 20 -11.40 -7.73 -16.45
CA LEU A 20 -9.95 -7.63 -16.29
C LEU A 20 -9.56 -7.12 -14.89
N PHE A 21 -10.56 -6.66 -14.15
CA PHE A 21 -10.33 -6.13 -12.81
C PHE A 21 -11.15 -6.79 -11.71
N CYS A 22 -10.79 -6.46 -10.48
CA CYS A 22 -11.54 -6.89 -9.31
C CYS A 22 -12.64 -5.86 -9.08
N ILE A 23 -13.88 -6.28 -9.24
CA ILE A 23 -15.07 -5.42 -9.13
C ILE A 23 -16.01 -6.00 -8.08
N PRO A 24 -16.61 -5.14 -7.22
CA PRO A 24 -17.61 -5.68 -6.29
C PRO A 24 -18.78 -6.34 -7.01
N ASN A 25 -19.16 -7.53 -6.55
CA ASN A 25 -20.21 -8.34 -7.16
C ASN A 25 -21.53 -7.59 -7.34
N HIS A 26 -21.89 -6.79 -6.34
CA HIS A 26 -23.18 -6.11 -6.34
C HIS A 26 -23.28 -5.02 -7.42
N TYR A 27 -22.17 -4.73 -8.10
CA TYR A 27 -22.14 -3.73 -9.17
C TYR A 27 -21.76 -4.33 -10.52
N ALA A 28 -21.61 -5.65 -10.59
CA ALA A 28 -21.13 -6.32 -11.80
C ALA A 28 -21.98 -6.01 -13.04
N GLU A 29 -23.29 -5.90 -12.86
CA GLU A 29 -24.19 -5.63 -13.98
C GLU A 29 -24.44 -4.13 -14.18
N ASP A 30 -24.17 -3.33 -13.15
CA ASP A 30 -24.54 -1.93 -13.15
C ASP A 30 -23.49 -1.03 -13.80
N LEU A 31 -22.28 -1.56 -13.98
CA LEU A 31 -21.21 -0.81 -14.61
C LEU A 31 -20.99 -1.31 -16.03
N GLU A 32 -20.45 -0.44 -16.88
CA GLU A 32 -20.23 -0.82 -18.28
C GLU A 32 -18.74 -1.09 -18.51
N ARG A 33 -17.90 -0.19 -18.02
CA ARG A 33 -16.46 -0.28 -18.20
C ARG A 33 -15.76 0.39 -17.03
N VAL A 34 -14.54 -0.03 -16.74
CA VAL A 34 -13.66 0.76 -15.89
C VAL A 34 -13.13 1.92 -16.73
N PHE A 35 -13.24 3.13 -16.21
CA PHE A 35 -12.86 4.31 -16.99
C PHE A 35 -11.48 4.80 -16.56
N ILE A 36 -11.31 5.00 -15.25
CA ILE A 36 -10.00 5.29 -14.68
C ILE A 36 -9.69 4.35 -13.53
N PRO A 37 -8.78 3.38 -13.75
CA PRO A 37 -8.42 2.42 -12.70
C PRO A 37 -7.95 3.12 -11.45
N HIS A 38 -8.31 2.56 -10.29
CA HIS A 38 -7.90 3.08 -9.00
C HIS A 38 -6.41 3.38 -8.95
N GLY A 39 -5.62 2.43 -9.45
CA GLY A 39 -4.18 2.57 -9.36
C GLY A 39 -3.66 3.74 -10.17
N LEU A 40 -4.31 4.01 -11.30
CA LEU A 40 -3.94 5.18 -12.09
C LEU A 40 -4.26 6.47 -11.32
N ILE A 41 -5.37 6.44 -10.60
CA ILE A 41 -5.75 7.58 -9.77
C ILE A 41 -4.66 7.83 -8.73
N MET A 42 -4.19 6.75 -8.10
CA MET A 42 -3.16 6.84 -7.07
C MET A 42 -1.88 7.45 -7.65
N ASP A 43 -1.45 6.94 -8.81
CA ASP A 43 -0.20 7.44 -9.41
C ASP A 43 -0.28 8.92 -9.77
N ARG A 44 -1.43 9.33 -10.29
CA ARG A 44 -1.60 10.75 -10.63
C ARG A 44 -1.63 11.58 -9.36
N THR A 45 -2.32 11.07 -8.34
CA THR A 45 -2.46 11.79 -7.08
C THR A 45 -1.10 11.97 -6.42
N GLU A 46 -0.22 10.99 -6.58
CA GLU A 46 1.13 11.11 -6.03
C GLU A 46 1.86 12.33 -6.60
N ARG A 47 1.76 12.52 -7.92
CA ARG A 47 2.43 13.64 -8.57
C ARG A 47 1.73 14.91 -8.15
N LEU A 48 0.41 14.85 -8.06
CA LEU A 48 -0.36 16.03 -7.63
C LEU A 48 0.07 16.51 -6.25
N ALA A 49 0.33 15.59 -5.33
CA ALA A 49 0.73 15.96 -3.98
C ALA A 49 2.05 16.72 -4.02
N ARG A 50 2.96 16.30 -4.88
CA ARG A 50 4.24 16.99 -4.97
C ARG A 50 4.05 18.41 -5.52
N ASP A 51 3.18 18.54 -6.53
CA ASP A 51 2.88 19.83 -7.13
C ASP A 51 2.26 20.76 -6.09
N VAL A 52 1.38 20.21 -5.27
CA VAL A 52 0.75 21.00 -4.20
C VAL A 52 1.81 21.50 -3.25
N MET A 53 2.70 20.62 -2.83
CA MET A 53 3.71 20.99 -1.87
CA MET A 53 3.73 20.99 -1.87
C MET A 53 4.69 22.01 -2.44
N LYS A 54 5.00 21.90 -3.72
CA LYS A 54 5.85 22.88 -4.36
C LYS A 54 5.20 24.27 -4.32
N GLU A 55 3.90 24.31 -4.52
CA GLU A 55 3.19 25.58 -4.59
C GLU A 55 2.81 26.13 -3.21
N MET A 56 2.44 25.24 -2.29
CA MET A 56 1.79 25.68 -1.05
C MET A 56 2.54 25.33 0.22
N GLY A 57 3.69 24.68 0.10
CA GLY A 57 4.40 24.16 1.27
C GLY A 57 5.19 25.16 2.08
N GLY A 58 5.12 26.44 1.72
CA GLY A 58 5.87 27.46 2.43
C GLY A 58 5.17 27.98 3.68
N HIS A 59 3.93 27.54 3.89
CA HIS A 59 3.15 28.03 5.02
C HIS A 59 2.10 26.99 5.40
N HIS A 60 1.66 27.04 6.66
CA HIS A 60 0.61 26.16 7.18
C HIS A 60 -0.51 25.97 6.16
N ILE A 61 -0.77 24.71 5.80
CA ILE A 61 -1.84 24.37 4.86
C ILE A 61 -3.08 23.90 5.62
N VAL A 62 -4.24 24.42 5.26
CA VAL A 62 -5.52 23.87 5.70
C VAL A 62 -6.16 23.18 4.52
N ALA A 63 -6.34 21.86 4.61
CA ALA A 63 -6.98 21.12 3.53
C ALA A 63 -8.48 21.01 3.81
N LEU A 64 -9.29 21.52 2.89
CA LEU A 64 -10.74 21.53 3.06
C LEU A 64 -11.38 20.48 2.14
N CYS A 65 -11.97 19.43 2.73
CA CYS A 65 -12.57 18.35 1.97
C CYS A 65 -14.01 18.69 1.59
N VAL A 66 -14.36 18.63 0.31
CA VAL A 66 -15.75 18.86 -0.09
C VAL A 66 -16.51 17.52 -0.13
N LEU A 67 -17.29 17.27 0.93
CA LEU A 67 -18.10 16.06 1.07
C LEU A 67 -19.28 16.09 0.10
N LYS A 68 -19.82 14.94 -0.27
CA LYS A 68 -19.33 13.62 0.15
C LYS A 68 -18.29 13.09 -0.81
N GLY A 69 -18.46 13.44 -2.08
CA GLY A 69 -17.71 12.84 -3.18
C GLY A 69 -16.21 13.09 -3.12
N GLY A 70 -15.82 14.15 -2.44
CA GLY A 70 -14.39 14.43 -2.35
C GLY A 70 -13.61 13.58 -1.34
N TYR A 71 -14.29 12.77 -0.53
CA TYR A 71 -13.64 12.20 0.65
C TYR A 71 -12.47 11.25 0.34
N LYS A 72 -12.60 10.45 -0.72
CA LYS A 72 -11.53 9.52 -1.10
C LYS A 72 -10.28 10.24 -1.63
N PHE A 73 -10.48 11.10 -2.62
CA PHE A 73 -9.39 11.90 -3.16
C PHE A 73 -8.70 12.69 -2.05
N PHE A 74 -9.50 13.25 -1.16
CA PHE A 74 -8.97 13.99 -0.01
C PHE A 74 -8.09 13.11 0.87
N ALA A 75 -8.59 11.94 1.27
CA ALA A 75 -7.82 11.08 2.19
C ALA A 75 -6.50 10.68 1.53
N ASP A 76 -6.59 10.33 0.26
CA ASP A 76 -5.42 9.85 -0.48
C ASP A 76 -4.41 10.95 -0.79
N LEU A 77 -4.91 12.08 -1.28
CA LEU A 77 -4.03 13.22 -1.55
C LEU A 77 -3.32 13.64 -0.24
N LEU A 78 -4.05 13.70 0.86
CA LEU A 78 -3.41 14.09 2.12
CA LEU A 78 -3.45 14.06 2.14
C LEU A 78 -2.39 13.03 2.56
N ASP A 79 -2.68 11.77 2.30
CA ASP A 79 -1.72 10.74 2.68
C ASP A 79 -0.41 10.90 1.93
N TYR A 80 -0.50 11.26 0.66
CA TYR A 80 0.72 11.49 -0.14
C TYR A 80 1.46 12.74 0.33
N ILE A 81 0.72 13.79 0.64
CA ILE A 81 1.32 15.01 1.18
C ILE A 81 2.06 14.72 2.49
N LYS A 82 1.42 13.94 3.36
CA LYS A 82 2.03 13.57 4.64
C LYS A 82 3.33 12.78 4.45
N ALA A 83 3.35 11.89 3.46
CA ALA A 83 4.56 11.13 3.15
C ALA A 83 5.69 12.09 2.78
N LEU A 84 5.37 13.10 1.98
CA LEU A 84 6.38 14.09 1.60
C LEU A 84 6.85 14.86 2.84
N ASN A 85 5.92 15.14 3.75
CA ASN A 85 6.28 15.90 4.93
C ASN A 85 7.15 15.15 5.94
N ARG A 86 7.13 13.82 5.92
CA ARG A 86 7.92 13.10 6.92
C ARG A 86 9.22 12.49 6.37
N ASN A 87 9.42 12.60 5.08
CA ASN A 87 10.61 12.02 4.47
C ASN A 87 11.45 13.15 3.89
N SER A 88 11.42 14.28 4.60
CA SER A 88 12.07 15.49 4.14
CA SER A 88 12.04 15.51 4.14
C SER A 88 12.75 16.23 5.29
N ARG A 90 12.59 19.62 6.91
CA ARG A 90 11.80 20.44 6.01
C ARG A 90 10.33 19.99 5.96
N SER A 91 9.51 20.51 6.87
CA SER A 91 8.09 20.19 6.86
C SER A 91 7.20 21.36 7.33
N ILE A 92 5.91 21.23 7.05
CA ILE A 92 4.94 22.31 7.23
C ILE A 92 3.69 21.75 7.90
N PRO A 93 3.21 22.41 8.96
CA PRO A 93 2.05 21.81 9.62
C PRO A 93 0.82 21.84 8.72
N MET A 94 -0.10 20.89 8.92
CA MET A 94 -1.31 20.86 8.12
C MET A 94 -2.52 20.55 9.01
N THR A 95 -3.63 21.26 8.78
CA THR A 95 -4.88 20.99 9.48
C THR A 95 -5.95 20.66 8.45
N VAL A 96 -7.05 20.06 8.92
CA VAL A 96 -8.09 19.59 7.99
C VAL A 96 -9.44 20.15 8.39
N ASP A 97 -10.30 20.36 7.41
CA ASP A 97 -11.70 20.65 7.72
C ASP A 97 -12.58 20.08 6.60
N PHE A 98 -13.88 20.08 6.85
CA PHE A 98 -14.82 19.44 5.93
C PHE A 98 -15.99 20.36 5.70
N ILE A 99 -16.50 20.38 4.47
CA ILE A 99 -17.66 21.20 4.18
C ILE A 99 -18.54 20.45 3.21
N ARG A 100 -19.84 20.68 3.29
CA ARG A 100 -20.74 20.03 2.36
C ARG A 100 -21.67 21.07 1.75
N LEU A 101 -21.85 20.98 0.43
CA LEU A 101 -22.75 21.83 -0.32
C LEU A 101 -23.86 20.97 -0.95
N LYS A 102 -25.09 21.47 -0.93
CA LYS A 102 -26.20 20.79 -1.60
C LYS A 102 -27.18 21.78 -2.22
N LEU A 121 -14.97 27.71 10.65
CA LEU A 121 -14.07 27.85 9.50
C LEU A 121 -13.05 28.98 9.67
N SER A 122 -12.98 29.53 10.88
CA SER A 122 -11.90 30.43 11.24
C SER A 122 -10.59 29.64 11.21
N THR A 123 -10.71 28.32 11.04
CA THR A 123 -9.58 27.43 10.84
C THR A 123 -8.79 27.79 9.56
N LEU A 124 -9.37 28.64 8.72
CA LEU A 124 -8.78 28.99 7.43
C LEU A 124 -7.98 30.29 7.45
N THR A 125 -8.31 31.19 8.39
CA THR A 125 -7.76 32.54 8.36
C THR A 125 -6.22 32.60 8.40
N GLY A 126 -5.63 33.36 7.47
CA GLY A 126 -4.20 33.51 7.39
C GLY A 126 -3.43 32.27 6.98
N LYS A 127 -4.12 31.27 6.44
CA LYS A 127 -3.44 30.03 6.06
C LYS A 127 -3.57 29.74 4.57
N ASN A 128 -2.77 28.81 4.08
CA ASN A 128 -2.86 28.35 2.70
C ASN A 128 -3.95 27.28 2.57
N VAL A 129 -5.11 27.69 2.04
CA VAL A 129 -6.28 26.82 1.96
C VAL A 129 -6.27 26.00 0.67
N LEU A 130 -6.30 24.67 0.81
CA LEU A 130 -6.43 23.80 -0.34
C LEU A 130 -7.82 23.19 -0.32
N ILE A 131 -8.65 23.57 -1.28
CA ILE A 131 -9.98 22.98 -1.41
C ILE A 131 -9.85 21.69 -2.23
N VAL A 132 -10.39 20.58 -1.71
CA VAL A 132 -10.23 19.29 -2.39
C VAL A 132 -11.60 18.79 -2.88
N GLU A 133 -11.75 18.67 -4.19
CA GLU A 133 -13.04 18.34 -4.81
C GLU A 133 -12.96 17.08 -5.66
N ASP A 134 -14.10 16.43 -5.90
CA ASP A 134 -14.12 15.26 -6.75
C ASP A 134 -14.20 15.62 -8.25
N ILE A 135 -15.12 16.51 -8.58
CA ILE A 135 -15.33 16.83 -10.00
C ILE A 135 -15.80 18.27 -10.20
N ILE A 136 -15.25 18.90 -11.23
CA ILE A 136 -15.74 20.19 -11.69
C ILE A 136 -16.41 19.97 -13.03
N ASP A 137 -17.65 20.44 -13.16
CA ASP A 137 -18.39 20.30 -14.40
C ASP A 137 -18.73 21.69 -14.93
N THR A 138 -19.77 22.31 -14.39
CA THR A 138 -20.13 23.65 -14.85
C THR A 138 -19.21 24.67 -14.19
N GLY A 139 -18.78 24.35 -12.98
CA GLY A 139 -17.92 25.25 -12.22
C GLY A 139 -18.73 26.05 -11.20
N LYS A 140 -20.06 25.94 -11.27
CA LYS A 140 -20.92 26.71 -10.36
C LYS A 140 -20.66 26.44 -8.89
N THR A 141 -20.56 25.16 -8.54
CA THR A 141 -20.32 24.76 -7.17
C THR A 141 -19.03 25.36 -6.62
N MET A 142 -17.96 25.26 -7.40
CA MET A 142 -16.67 25.78 -6.95
C MET A 142 -16.67 27.31 -6.80
N GLN A 143 -17.25 28.01 -7.76
CA GLN A 143 -17.38 29.46 -7.66
C GLN A 143 -18.17 29.87 -6.41
N THR A 144 -19.20 29.09 -6.12
CA THR A 144 -20.02 29.32 -4.93
C THR A 144 -19.16 29.13 -3.70
N LEU A 145 -18.44 28.02 -3.65
CA LEU A 145 -17.61 27.71 -2.50
C LEU A 145 -16.48 28.71 -2.32
N LEU A 146 -15.83 29.07 -3.43
CA LEU A 146 -14.76 30.08 -3.37
C LEU A 146 -15.27 31.39 -2.77
N SER A 147 -16.48 31.80 -3.16
CA SER A 147 -17.02 33.09 -2.69
C SER A 147 -17.25 33.12 -1.17
N LEU A 148 -17.36 31.94 -0.56
CA LEU A 148 -17.50 31.83 0.90
C LEU A 148 -16.13 31.78 1.59
N VAL A 149 -15.27 30.91 1.08
CA VAL A 149 -13.94 30.70 1.64
C VAL A 149 -13.12 31.98 1.72
N ARG A 150 -13.28 32.84 0.71
CA ARG A 150 -12.55 34.09 0.67
C ARG A 150 -12.93 35.02 1.84
N GLN A 151 -14.14 34.84 2.37
CA GLN A 151 -14.60 35.69 3.45
C GLN A 151 -13.90 35.38 4.78
N TYR A 152 -13.24 34.24 4.86
CA TYR A 152 -12.43 33.90 6.05
C TYR A 152 -10.99 34.41 5.93
N ASN A 153 -10.77 35.27 4.94
CA ASN A 153 -9.46 35.85 4.61
C ASN A 153 -8.26 34.92 4.76
N PRO A 154 -8.18 33.91 3.89
CA PRO A 154 -7.00 33.05 3.83
C PRO A 154 -5.83 33.80 3.23
N LYS A 155 -4.62 33.29 3.42
CA LYS A 155 -3.44 33.87 2.79
C LYS A 155 -3.53 33.56 1.30
N MET A 156 -3.97 32.35 1.00
CA MET A 156 -3.98 31.83 -0.35
C MET A 156 -5.08 30.78 -0.43
N VAL A 157 -5.74 30.67 -1.59
CA VAL A 157 -6.70 29.59 -1.85
C VAL A 157 -6.35 28.92 -3.16
N LYS A 158 -6.26 27.59 -3.13
CA LYS A 158 -6.03 26.80 -4.33
C LYS A 158 -7.09 25.72 -4.34
N VAL A 159 -7.43 25.25 -5.52
CA VAL A 159 -8.39 24.16 -5.66
C VAL A 159 -7.77 22.99 -6.40
N ALA A 160 -7.85 21.81 -5.78
CA ALA A 160 -7.49 20.56 -6.42
C ALA A 160 -8.77 19.78 -6.73
N SER A 161 -8.95 19.38 -7.99
CA SER A 161 -10.12 18.57 -8.35
C SER A 161 -9.63 17.34 -9.03
N LEU A 162 -10.11 16.17 -8.58
CA LEU A 162 -9.70 14.91 -9.18
C LEU A 162 -10.05 14.91 -10.66
N LEU A 163 -11.27 15.33 -10.96
CA LEU A 163 -11.74 15.33 -12.35
C LEU A 163 -12.21 16.71 -12.75
N VAL A 164 -12.04 17.02 -14.04
CA VAL A 164 -12.62 18.22 -14.67
C VAL A 164 -13.24 17.77 -15.98
N LYS A 165 -14.52 18.07 -16.15
CA LYS A 165 -15.23 17.68 -17.37
C LYS A 165 -15.02 18.71 -18.45
N ARG A 166 -14.79 18.21 -19.67
CA ARG A 166 -14.81 19.06 -20.85
C ARG A 166 -16.25 19.31 -21.26
N THR A 167 -16.70 20.53 -21.07
CA THR A 167 -18.07 20.84 -21.43
C THR A 167 -18.13 22.27 -21.94
N PRO A 168 -18.87 22.50 -23.04
CA PRO A 168 -19.19 23.86 -23.47
C PRO A 168 -19.99 24.57 -22.37
N ARG A 169 -20.58 23.77 -21.47
CA ARG A 169 -21.35 24.26 -20.33
C ARG A 169 -20.48 24.91 -19.24
N SER A 170 -19.16 24.77 -19.36
CA SER A 170 -18.25 25.35 -18.36
C SER A 170 -18.36 26.86 -18.32
N VAL A 171 -18.60 27.40 -17.12
CA VAL A 171 -18.70 28.84 -16.91
C VAL A 171 -17.30 29.46 -17.05
N GLY A 172 -16.31 28.58 -17.18
CA GLY A 172 -14.96 29.00 -17.45
C GLY A 172 -14.01 28.86 -16.28
N TYR A 173 -14.51 28.37 -15.14
CA TYR A 173 -13.66 28.19 -13.97
C TYR A 173 -12.68 27.03 -14.11
N LYS A 174 -11.42 27.30 -13.76
CA LYS A 174 -10.33 26.31 -13.83
C LYS A 174 -9.67 26.12 -12.47
N PRO A 175 -9.68 24.87 -11.97
CA PRO A 175 -8.98 24.65 -10.69
C PRO A 175 -7.46 24.72 -10.89
N ASP A 176 -6.72 24.70 -9.80
CA ASP A 176 -5.26 24.88 -9.84
C ASP A 176 -4.53 23.56 -10.04
N PHE A 177 -5.10 22.49 -9.48
CA PHE A 177 -4.53 21.15 -9.58
C PHE A 177 -5.61 20.24 -10.13
N VAL A 178 -5.31 19.52 -11.21
CA VAL A 178 -6.30 18.65 -11.84
C VAL A 178 -5.77 17.23 -12.01
N GLY A 179 -6.53 16.24 -11.55
CA GLY A 179 -6.13 14.88 -11.79
C GLY A 179 -6.30 14.46 -13.24
N PHE A 180 -7.54 14.48 -13.71
CA PHE A 180 -7.86 13.97 -15.04
C PHE A 180 -8.87 14.91 -15.68
N GLU A 181 -8.71 15.16 -16.97
CA GLU A 181 -9.69 15.93 -17.72
C GLU A 181 -10.47 14.93 -18.57
N ILE A 182 -11.79 14.88 -18.38
CA ILE A 182 -12.58 13.79 -18.94
C ILE A 182 -13.65 14.29 -19.90
N PRO A 183 -14.12 13.42 -20.81
CA PRO A 183 -15.20 13.87 -21.69
C PRO A 183 -16.51 14.02 -20.93
N ASP A 184 -17.54 14.54 -21.61
CA ASP A 184 -18.86 14.75 -21.02
C ASP A 184 -19.62 13.43 -20.90
N LYS A 185 -19.19 12.58 -19.97
CA LYS A 185 -19.84 11.29 -19.73
C LYS A 185 -20.07 11.23 -18.24
N PHE A 186 -21.12 10.54 -17.81
CA PHE A 186 -21.36 10.41 -16.37
C PHE A 186 -20.51 9.31 -15.77
N VAL A 187 -19.71 9.65 -14.75
CA VAL A 187 -18.83 8.67 -14.14
C VAL A 187 -19.13 8.51 -12.65
N VAL A 188 -18.80 7.34 -12.12
CA VAL A 188 -19.05 7.03 -10.71
C VAL A 188 -17.84 6.30 -10.16
N GLY A 189 -17.80 6.09 -8.85
CA GLY A 189 -16.68 5.39 -8.26
C GLY A 189 -15.67 6.32 -7.61
N TYR A 190 -14.78 5.74 -6.82
CA TYR A 190 -13.82 6.51 -6.03
C TYR A 190 -14.54 7.63 -5.27
N ALA A 191 -15.65 7.26 -4.61
CA ALA A 191 -16.52 8.14 -3.82
C ALA A 191 -17.53 8.97 -4.64
N LEU A 192 -17.38 9.02 -5.96
CA LEU A 192 -18.37 9.69 -6.80
C LEU A 192 -19.65 8.85 -6.92
N ASP A 193 -20.80 9.46 -6.76
CA ASP A 193 -22.02 8.68 -6.69
C ASP A 193 -22.98 8.88 -7.85
N TYR A 194 -23.90 7.93 -7.98
CA TYR A 194 -25.13 8.11 -8.72
C TYR A 194 -26.26 7.87 -7.74
N ASN A 195 -26.89 8.95 -7.30
CA ASN A 195 -27.91 8.89 -6.26
C ASN A 195 -27.50 8.04 -5.05
N GLU A 196 -26.31 8.35 -4.55
CA GLU A 196 -25.71 7.77 -3.33
C GLU A 196 -25.08 6.39 -3.51
N TYR A 197 -25.35 5.75 -4.66
CA TYR A 197 -24.70 4.49 -4.98
C TYR A 197 -23.36 4.68 -5.69
N PHE A 198 -22.55 3.62 -5.68
CA PHE A 198 -21.24 3.56 -6.34
C PHE A 198 -20.12 4.31 -5.62
N ARG A 199 -20.37 4.81 -4.41
CA ARG A 199 -19.26 5.43 -3.67
C ARG A 199 -18.27 4.38 -3.18
N ASP A 200 -18.79 3.18 -2.90
CA ASP A 200 -18.03 2.07 -2.34
C ASP A 200 -17.42 1.25 -3.46
N LEU A 201 -16.63 1.93 -4.27
CA LEU A 201 -16.01 1.38 -5.47
C LEU A 201 -14.71 2.14 -5.65
N ASN A 202 -13.60 1.42 -5.84
CA ASN A 202 -12.26 2.01 -5.90
CA ASN A 202 -12.28 2.06 -5.90
C ASN A 202 -11.92 2.64 -7.27
N HIS A 203 -12.51 2.09 -8.33
CA HIS A 203 -12.23 2.57 -9.69
C HIS A 203 -13.23 3.65 -10.10
N VAL A 204 -12.86 4.54 -11.01
CA VAL A 204 -13.85 5.41 -11.64
C VAL A 204 -14.39 4.67 -12.85
N CYS A 205 -15.72 4.61 -12.97
CA CYS A 205 -16.34 3.80 -14.01
C CYS A 205 -17.48 4.54 -14.69
N VAL A 206 -17.83 4.06 -15.87
CA VAL A 206 -19.01 4.55 -16.56
C VAL A 206 -20.15 3.58 -16.24
N ILE A 207 -21.34 4.12 -16.03
CA ILE A 207 -22.47 3.35 -15.55
C ILE A 207 -23.25 2.75 -16.71
N SER A 208 -23.66 1.48 -16.58
CA SER A 208 -24.40 0.82 -17.65
C SER A 208 -25.79 1.41 -17.79
N GLU A 209 -26.49 1.01 -18.84
CA GLU A 209 -27.87 1.46 -19.03
C GLU A 209 -28.75 0.90 -17.93
N THR A 210 -28.45 -0.32 -17.48
CA THR A 210 -29.25 -0.98 -16.46
C THR A 210 -29.04 -0.37 -15.07
N GLY A 211 -27.82 0.08 -14.80
CA GLY A 211 -27.51 0.68 -13.51
C GLY A 211 -28.04 2.09 -13.43
N LYS A 212 -28.05 2.78 -14.57
CA LYS A 212 -28.57 4.14 -14.65
C LYS A 212 -30.07 4.18 -14.36
N ALA A 213 -30.80 3.27 -14.99
CA ALA A 213 -32.26 3.18 -14.80
C ALA A 213 -32.59 2.64 -13.41
N LYS A 214 -31.73 1.78 -12.89
CA LYS A 214 -31.96 1.13 -11.61
C LYS A 214 -31.79 2.08 -10.40
N TYR A 215 -31.01 3.15 -10.61
CA TYR A 215 -30.65 4.02 -9.50
C TYR A 215 -31.01 5.50 -9.69
N LYS A 216 -31.71 5.84 -10.78
CA LYS A 216 -32.12 7.24 -11.00
C LYS A 216 -33.09 7.72 -9.93
N SER B 4 -7.76 -16.08 -21.63
CA SER B 4 -7.75 -14.62 -21.61
C SER B 4 -6.38 -14.04 -21.98
N PRO B 5 -6.36 -13.06 -22.90
CA PRO B 5 -5.13 -12.46 -23.39
C PRO B 5 -4.63 -11.36 -22.47
N GLY B 6 -5.41 -11.02 -21.44
CA GLY B 6 -5.02 -9.97 -20.52
C GLY B 6 -5.50 -8.62 -20.99
N VAL B 7 -5.01 -7.55 -20.36
CA VAL B 7 -5.36 -6.20 -20.77
C VAL B 7 -4.66 -5.90 -22.08
N VAL B 8 -5.45 -5.67 -23.13
CA VAL B 8 -4.85 -5.40 -24.44
C VAL B 8 -4.49 -3.93 -24.60
N ILE B 9 -3.19 -3.65 -24.65
CA ILE B 9 -2.70 -2.31 -24.93
C ILE B 9 -2.43 -2.23 -26.43
N SER B 10 -3.19 -1.40 -27.13
CA SER B 10 -3.15 -1.40 -28.59
C SER B 10 -1.81 -0.91 -29.12
N ASP B 11 -1.51 -1.28 -30.36
CA ASP B 11 -0.29 -0.87 -31.02
C ASP B 11 -0.14 0.67 -31.06
N ASP B 12 -1.25 1.38 -31.16
CA ASP B 12 -1.22 2.85 -31.26
C ASP B 12 -1.33 3.59 -29.92
N GLU B 13 -1.28 2.84 -28.81
CA GLU B 13 -1.32 3.42 -27.47
C GLU B 13 -0.21 4.46 -27.26
N PRO B 14 -0.59 5.71 -26.97
CA PRO B 14 0.40 6.79 -26.85
C PRO B 14 1.10 6.82 -25.50
N GLY B 15 0.56 6.13 -24.50
CA GLY B 15 1.12 6.22 -23.15
C GLY B 15 0.87 7.61 -22.56
N TYR B 16 1.55 7.93 -21.46
CA TYR B 16 1.32 9.21 -20.77
C TYR B 16 2.56 10.09 -20.69
N ASP B 17 2.36 11.41 -20.68
CA ASP B 17 3.46 12.36 -20.49
C ASP B 17 4.12 12.09 -19.14
N LEU B 18 5.45 12.05 -19.11
CA LEU B 18 6.20 11.78 -17.87
C LEU B 18 5.87 12.82 -16.78
N ASP B 19 5.54 14.04 -17.22
CA ASP B 19 5.37 15.17 -16.31
C ASP B 19 4.07 15.08 -15.51
N LEU B 20 3.24 14.10 -15.84
CA LEU B 20 1.99 13.93 -15.12
C LEU B 20 2.14 12.93 -13.98
N PHE B 21 3.31 12.29 -13.92
CA PHE B 21 3.60 11.27 -12.90
C PHE B 21 4.85 11.60 -12.11
N CYS B 22 5.08 10.82 -11.05
CA CYS B 22 6.31 10.94 -10.28
C CYS B 22 7.31 9.96 -10.87
N ILE B 23 8.47 10.49 -11.26
CA ILE B 23 9.51 9.71 -11.93
C ILE B 23 10.84 10.11 -11.32
N PRO B 24 11.75 9.15 -11.11
CA PRO B 24 13.07 9.51 -10.57
C PRO B 24 13.78 10.52 -11.47
N ASN B 25 14.31 11.62 -10.91
CA ASN B 25 14.96 12.63 -11.74
C ASN B 25 16.11 12.08 -12.59
N HIS B 26 16.77 11.03 -12.10
CA HIS B 26 17.92 10.49 -12.84
C HIS B 26 17.53 9.82 -14.16
N TYR B 27 16.24 9.56 -14.34
CA TYR B 27 15.75 9.03 -15.61
C TYR B 27 14.92 10.04 -16.41
N ALA B 28 14.94 11.30 -16.03
CA ALA B 28 14.08 12.32 -16.65
C ALA B 28 14.23 12.43 -18.18
N GLU B 29 15.44 12.21 -18.68
CA GLU B 29 15.73 12.39 -20.10
C GLU B 29 15.81 11.05 -20.84
N ASP B 30 15.70 9.97 -20.08
CA ASP B 30 15.93 8.63 -20.59
C ASP B 30 14.65 7.88 -20.94
N LEU B 31 13.50 8.47 -20.59
CA LEU B 31 12.20 7.85 -20.87
C LEU B 31 11.41 8.73 -21.84
N GLU B 32 10.58 8.11 -22.66
CA GLU B 32 9.80 8.84 -23.63
C GLU B 32 8.40 9.09 -23.07
N ARG B 33 7.79 8.04 -22.54
CA ARG B 33 6.41 8.09 -22.02
C ARG B 33 6.25 7.09 -20.90
N VAL B 34 5.33 7.33 -19.98
CA VAL B 34 4.86 6.25 -19.11
C VAL B 34 3.91 5.39 -19.94
N PHE B 35 4.08 4.06 -19.89
CA PHE B 35 3.32 3.16 -20.76
C PHE B 35 2.25 2.43 -19.95
N ILE B 36 2.67 1.87 -18.83
CA ILE B 36 1.74 1.23 -17.89
C ILE B 36 2.03 1.75 -16.50
N PRO B 37 1.16 2.62 -15.98
CA PRO B 37 1.42 3.18 -14.66
C PRO B 37 1.46 2.08 -13.60
N HIS B 38 2.34 2.25 -12.63
CA HIS B 38 2.49 1.29 -11.53
C HIS B 38 1.16 0.84 -10.93
N GLY B 39 0.30 1.80 -10.62
CA GLY B 39 -0.98 1.52 -9.99
C GLY B 39 -1.87 0.64 -10.86
N LEU B 40 -1.76 0.81 -12.17
CA LEU B 40 -2.54 -0.01 -13.09
C LEU B 40 -2.02 -1.45 -13.08
N ILE B 41 -0.70 -1.60 -12.94
CA ILE B 41 -0.12 -2.94 -12.79
C ILE B 41 -0.69 -3.61 -11.53
N MET B 42 -0.79 -2.85 -10.45
N MET B 42 -0.79 -2.85 -10.45
CA MET B 42 -1.31 -3.39 -9.19
CA MET B 42 -1.33 -3.40 -9.19
C MET B 42 -2.76 -3.83 -9.33
C MET B 42 -2.76 -3.84 -9.34
N ASP B 43 -3.57 -3.01 -9.97
CA ASP B 43 -4.99 -3.33 -10.16
C ASP B 43 -5.15 -4.59 -10.98
N ARG B 44 -4.35 -4.73 -12.03
CA ARG B 44 -4.46 -5.92 -12.88
C ARG B 44 -3.95 -7.14 -12.11
N THR B 45 -2.86 -6.96 -11.37
CA THR B 45 -2.27 -8.02 -10.56
C THR B 45 -3.22 -8.51 -9.47
N GLU B 46 -3.99 -7.60 -8.88
CA GLU B 46 -5.00 -8.01 -7.93
C GLU B 46 -5.97 -9.00 -8.55
N ARG B 47 -6.43 -8.72 -9.77
CA ARG B 47 -7.37 -9.64 -10.42
C ARG B 47 -6.67 -10.94 -10.79
N LEU B 48 -5.41 -10.85 -11.18
CA LEU B 48 -4.68 -12.08 -11.52
C LEU B 48 -4.57 -13.00 -10.33
N ALA B 49 -4.36 -12.43 -9.14
CA ALA B 49 -4.24 -13.27 -7.92
C ALA B 49 -5.50 -14.07 -7.72
N ARG B 50 -6.64 -13.41 -7.94
CA ARG B 50 -7.91 -14.10 -7.79
C ARG B 50 -8.06 -15.18 -8.83
N ASP B 51 -7.63 -14.93 -10.07
CA ASP B 51 -7.70 -15.96 -11.12
C ASP B 51 -6.80 -17.16 -10.78
N VAL B 52 -5.62 -16.89 -10.24
CA VAL B 52 -4.70 -17.98 -9.87
C VAL B 52 -5.34 -18.86 -8.80
N MET B 53 -5.89 -18.20 -7.79
N MET B 53 -5.90 -18.24 -7.77
CA MET B 53 -6.60 -18.88 -6.70
CA MET B 53 -6.52 -19.03 -6.72
C MET B 53 -7.74 -19.75 -7.20
C MET B 53 -7.77 -19.77 -7.19
N LYS B 54 -8.50 -19.21 -8.15
CA LYS B 54 -9.64 -19.92 -8.72
C LYS B 54 -9.18 -21.19 -9.41
N GLU B 55 -8.00 -21.16 -10.01
CA GLU B 55 -7.54 -22.26 -10.83
CA GLU B 55 -7.52 -22.26 -10.83
C GLU B 55 -6.58 -23.21 -10.10
N MET B 56 -5.75 -22.68 -9.21
CA MET B 56 -4.70 -23.48 -8.57
C MET B 56 -4.84 -23.76 -7.08
N GLY B 57 -5.85 -23.17 -6.44
CA GLY B 57 -6.08 -23.40 -5.02
C GLY B 57 -7.40 -24.09 -4.76
N GLY B 58 -7.38 -25.12 -3.91
CA GLY B 58 -6.20 -25.43 -3.14
C GLY B 58 -5.60 -26.84 -3.18
N HIS B 59 -4.49 -26.95 -3.90
CA HIS B 59 -3.43 -27.86 -3.54
C HIS B 59 -2.28 -26.91 -3.20
N HIS B 60 -1.20 -27.45 -2.65
CA HIS B 60 -0.01 -26.67 -2.36
C HIS B 60 0.56 -26.13 -3.68
N ILE B 61 0.92 -24.85 -3.70
N ILE B 61 0.97 -24.85 -3.65
CA ILE B 61 1.60 -24.36 -4.89
CA ILE B 61 1.56 -24.18 -4.81
C ILE B 61 3.02 -23.93 -4.57
C ILE B 61 3.03 -23.87 -4.56
N VAL B 62 3.90 -24.18 -5.52
CA VAL B 62 5.28 -23.69 -5.47
C VAL B 62 5.34 -22.55 -6.48
N ALA B 63 5.66 -21.36 -6.02
CA ALA B 63 5.73 -20.23 -6.91
C ALA B 63 7.18 -20.05 -7.28
N LEU B 64 7.43 -20.03 -8.58
CA LEU B 64 8.78 -19.96 -9.10
CA LEU B 64 8.79 -19.96 -9.13
C LEU B 64 9.03 -18.59 -9.72
N CYS B 65 9.94 -17.84 -9.12
CA CYS B 65 10.25 -16.50 -9.60
C CYS B 65 11.36 -16.49 -10.66
N VAL B 66 11.06 -16.02 -11.87
CA VAL B 66 12.13 -15.93 -12.86
C VAL B 66 12.85 -14.60 -12.73
N LEU B 67 14.07 -14.67 -12.18
CA LEU B 67 14.90 -13.49 -11.91
C LEU B 67 15.59 -13.03 -13.20
N LYS B 68 16.03 -11.77 -13.27
CA LYS B 68 15.84 -10.75 -12.23
C LYS B 68 14.52 -10.03 -12.42
N GLY B 69 14.12 -9.90 -13.68
CA GLY B 69 12.97 -9.07 -14.04
C GLY B 69 11.63 -9.44 -13.42
N GLY B 70 11.46 -10.70 -13.06
CA GLY B 70 10.16 -11.12 -12.54
C GLY B 70 9.98 -10.79 -11.07
N TYR B 71 11.03 -10.27 -10.41
CA TYR B 71 11.00 -10.16 -8.94
C TYR B 71 9.87 -9.26 -8.41
N LYS B 72 9.59 -8.15 -9.09
CA LYS B 72 8.56 -7.23 -8.59
C LYS B 72 7.16 -7.81 -8.77
N PHE B 73 6.88 -8.25 -9.98
CA PHE B 73 5.59 -8.88 -10.27
C PHE B 73 5.36 -10.08 -9.33
N PHE B 74 6.42 -10.85 -9.12
CA PHE B 74 6.34 -12.02 -8.23
C PHE B 74 5.98 -11.58 -6.80
N ALA B 75 6.66 -10.57 -6.27
CA ALA B 75 6.43 -10.17 -4.89
C ALA B 75 5.02 -9.62 -4.71
N ASP B 76 4.59 -8.82 -5.68
CA ASP B 76 3.27 -8.20 -5.61
C ASP B 76 2.17 -9.23 -5.86
N LEU B 77 2.35 -10.12 -6.84
CA LEU B 77 1.34 -11.12 -7.09
C LEU B 77 1.18 -11.99 -5.87
N LEU B 78 2.31 -12.40 -5.29
CA LEU B 78 2.25 -13.21 -4.08
C LEU B 78 1.62 -12.44 -2.91
N ASP B 79 1.83 -11.13 -2.84
CA ASP B 79 1.19 -10.37 -1.75
C ASP B 79 -0.32 -10.35 -1.90
N TYR B 80 -0.81 -10.23 -3.13
CA TYR B 80 -2.24 -10.27 -3.38
C TYR B 80 -2.81 -11.65 -3.11
N ILE B 81 -2.07 -12.71 -3.45
CA ILE B 81 -2.52 -14.07 -3.11
C ILE B 81 -2.55 -14.26 -1.59
N LYS B 82 -1.51 -13.80 -0.89
CA LYS B 82 -1.54 -13.88 0.57
C LYS B 82 -2.73 -13.14 1.17
N ALA B 83 -3.12 -12.00 0.59
CA ALA B 83 -4.28 -11.26 1.10
C ALA B 83 -5.55 -12.09 1.00
N LEU B 84 -5.69 -12.82 -0.10
CA LEU B 84 -6.83 -13.71 -0.27
C LEU B 84 -6.78 -14.86 0.73
N ASN B 85 -5.57 -15.38 0.97
CA ASN B 85 -5.41 -16.52 1.89
C ASN B 85 -5.78 -16.21 3.33
N ARG B 86 -5.72 -14.95 3.72
CA ARG B 86 -6.04 -14.60 5.11
C ARG B 86 -7.39 -13.90 5.28
N ASN B 87 -8.03 -13.53 4.17
CA ASN B 87 -9.32 -12.84 4.22
C ASN B 87 -10.49 -13.59 3.60
N SER B 88 -10.20 -14.56 2.73
CA SER B 88 -11.29 -15.24 2.02
C SER B 88 -11.58 -16.67 2.49
N ASP B 89 -12.30 -17.39 1.63
CA ASP B 89 -12.85 -18.70 1.96
C ASP B 89 -12.02 -19.84 1.38
N ARG B 90 -10.80 -19.54 0.97
CA ARG B 90 -9.93 -20.56 0.38
C ARG B 90 -8.48 -20.29 0.74
N SER B 91 -7.64 -21.32 0.64
CA SER B 91 -6.24 -21.18 1.02
C SER B 91 -5.24 -21.76 0.02
N ILE B 92 -4.02 -21.24 0.07
CA ILE B 92 -2.86 -21.90 -0.50
C ILE B 92 -2.55 -23.12 0.42
N PRO B 93 -1.35 -23.27 1.06
CA PRO B 93 0.00 -22.75 1.30
C PRO B 93 0.83 -22.65 0.05
N MET B 94 1.82 -21.76 0.09
CA MET B 94 2.74 -21.59 -0.98
C MET B 94 4.15 -21.76 -0.44
N THR B 95 5.00 -22.39 -1.23
CA THR B 95 6.44 -22.26 -1.02
C THR B 95 7.01 -21.51 -2.22
N VAL B 96 8.24 -21.02 -2.12
CA VAL B 96 8.80 -20.22 -3.19
C VAL B 96 10.19 -20.69 -3.58
N ASP B 97 10.55 -20.47 -4.84
CA ASP B 97 11.93 -20.62 -5.24
C ASP B 97 12.20 -19.60 -6.32
N PHE B 98 13.46 -19.44 -6.67
CA PHE B 98 13.87 -18.37 -7.56
C PHE B 98 14.82 -19.01 -8.55
N ILE B 99 14.60 -18.78 -9.83
CA ILE B 99 15.54 -19.29 -10.80
C ILE B 99 16.01 -18.17 -11.69
N ARG B 100 17.20 -18.31 -12.22
CA ARG B 100 17.67 -17.34 -13.19
CA ARG B 100 17.64 -17.35 -13.21
C ARG B 100 18.26 -18.08 -14.38
N LEU B 101 18.05 -17.53 -15.56
CA LEU B 101 18.62 -18.13 -16.76
C LEU B 101 19.75 -17.25 -17.26
N LYS B 102 20.95 -17.81 -17.29
CA LYS B 102 22.15 -17.06 -17.66
C LYS B 102 23.05 -17.87 -18.57
N VAL B 115 21.47 -22.15 -15.47
CA VAL B 115 20.34 -22.05 -14.56
C VAL B 115 20.83 -21.93 -13.13
N ILE B 116 21.01 -20.71 -12.63
CA ILE B 116 21.49 -20.56 -11.26
C ILE B 116 20.35 -20.67 -10.26
N GLY B 117 20.65 -21.20 -9.09
CA GLY B 117 19.63 -21.35 -8.08
C GLY B 117 18.70 -22.46 -8.48
N GLY B 118 17.46 -22.37 -8.02
CA GLY B 118 16.60 -23.53 -8.03
C GLY B 118 17.01 -24.36 -6.81
N ASP B 119 16.15 -25.27 -6.39
CA ASP B 119 16.41 -26.08 -5.22
C ASP B 119 16.67 -27.51 -5.66
N ASP B 120 16.55 -27.73 -6.96
CA ASP B 120 16.23 -29.03 -7.57
C ASP B 120 14.78 -29.39 -7.27
N THR B 123 11.94 -30.88 -5.83
CA THR B 123 10.95 -30.22 -4.99
C THR B 123 9.59 -30.08 -5.69
N LEU B 124 9.63 -30.06 -7.01
CA LEU B 124 8.44 -29.72 -7.79
C LEU B 124 7.47 -30.89 -8.01
N THR B 125 7.96 -32.10 -7.79
CA THR B 125 7.18 -33.32 -8.07
C THR B 125 5.86 -33.40 -7.31
N GLY B 126 4.78 -33.59 -8.06
CA GLY B 126 3.47 -33.75 -7.46
C GLY B 126 2.92 -32.48 -6.87
N LYS B 127 3.54 -31.35 -7.23
CA LYS B 127 3.12 -30.05 -6.73
C LYS B 127 2.49 -29.23 -7.86
N ASN B 128 1.65 -28.26 -7.50
CA ASN B 128 1.17 -27.29 -8.46
C ASN B 128 2.18 -26.17 -8.59
N VAL B 129 2.79 -26.03 -9.76
CA VAL B 129 3.85 -25.06 -9.94
C VAL B 129 3.36 -23.86 -10.73
N LEU B 130 3.61 -22.67 -10.20
CA LEU B 130 3.31 -21.41 -10.89
C LEU B 130 4.63 -20.73 -11.25
N ILE B 131 4.92 -20.68 -12.55
CA ILE B 131 6.07 -19.94 -13.04
C ILE B 131 5.68 -18.49 -13.23
N VAL B 132 6.45 -17.58 -12.64
CA VAL B 132 6.12 -16.16 -12.66
C VAL B 132 7.16 -15.39 -13.45
N GLU B 133 6.74 -14.80 -14.56
N GLU B 133 6.73 -14.80 -14.55
N GLU B 133 6.77 -14.84 -14.59
CA GLU B 133 7.66 -14.17 -15.50
CA GLU B 133 7.62 -14.16 -15.51
CA GLU B 133 7.69 -14.15 -15.49
C GLU B 133 7.30 -12.71 -15.78
C GLU B 133 7.31 -12.67 -15.69
C GLU B 133 7.32 -12.69 -15.69
N ASP B 134 8.30 -11.89 -16.08
CA ASP B 134 8.07 -10.48 -16.36
C ASP B 134 7.50 -10.27 -17.76
N ILE B 135 8.09 -10.93 -18.75
CA ILE B 135 7.70 -10.69 -20.14
C ILE B 135 7.97 -11.87 -21.05
N ILE B 136 7.02 -12.14 -21.94
CA ILE B 136 7.16 -13.14 -22.98
CA ILE B 136 7.20 -13.14 -22.97
C ILE B 136 7.33 -12.42 -24.32
N ASP B 137 8.44 -12.69 -25.00
CA ASP B 137 8.71 -12.08 -26.28
C ASP B 137 8.88 -13.20 -27.31
N THR B 138 10.08 -13.77 -27.41
CA THR B 138 10.26 -14.94 -28.27
C THR B 138 9.62 -16.19 -27.69
N GLY B 139 9.36 -16.19 -26.38
CA GLY B 139 8.83 -17.37 -25.73
C GLY B 139 9.91 -18.37 -25.33
N LYS B 140 11.18 -18.03 -25.59
CA LYS B 140 12.27 -18.96 -25.35
C LYS B 140 12.61 -19.23 -23.88
N THR B 141 12.65 -18.21 -23.03
CA THR B 141 12.87 -18.54 -21.62
CA THR B 141 12.80 -18.38 -21.58
C THR B 141 11.67 -19.28 -21.05
N MET B 142 10.47 -19.05 -21.58
CA MET B 142 9.29 -19.78 -21.09
CA MET B 142 9.28 -19.78 -21.14
C MET B 142 9.35 -21.27 -21.48
N GLN B 143 9.70 -21.56 -22.73
CA GLN B 143 9.89 -22.94 -23.17
C GLN B 143 10.93 -23.67 -22.30
N THR B 144 11.99 -22.94 -21.96
CA THR B 144 13.08 -23.48 -21.15
C THR B 144 12.63 -23.77 -19.72
N LEU B 145 11.88 -22.84 -19.15
CA LEU B 145 11.34 -23.02 -17.81
C LEU B 145 10.33 -24.16 -17.80
N LEU B 146 9.58 -24.30 -18.88
CA LEU B 146 8.54 -25.34 -19.00
C LEU B 146 9.06 -26.76 -19.22
N SER B 147 10.25 -26.91 -19.83
CA SER B 147 10.87 -28.24 -20.00
C SER B 147 11.64 -28.62 -18.73
N LEU B 148 12.26 -27.61 -18.14
CA LEU B 148 12.54 -27.63 -16.72
C LEU B 148 11.15 -27.70 -16.06
N VAL B 149 11.09 -27.85 -14.75
CA VAL B 149 9.82 -28.10 -14.08
C VAL B 149 9.15 -29.41 -14.55
N ARG B 150 8.87 -29.54 -15.85
CA ARG B 150 8.16 -30.72 -16.37
C ARG B 150 8.98 -31.99 -16.22
N GLN B 151 10.29 -31.82 -16.05
CA GLN B 151 11.18 -32.95 -15.86
C GLN B 151 11.03 -33.50 -14.43
N TYR B 152 10.49 -32.69 -13.53
CA TYR B 152 10.30 -33.12 -12.16
C TYR B 152 8.88 -33.62 -11.90
N ASN B 153 8.13 -33.85 -12.98
CA ASN B 153 6.75 -34.34 -12.89
C ASN B 153 5.86 -33.63 -11.85
N PRO B 154 5.59 -32.35 -12.08
CA PRO B 154 4.67 -31.61 -11.20
C PRO B 154 3.25 -32.11 -11.43
N LYS B 155 2.34 -31.82 -10.50
CA LYS B 155 0.94 -32.19 -10.70
C LYS B 155 0.34 -31.33 -11.83
N MET B 156 0.70 -30.05 -11.83
CA MET B 156 0.31 -29.13 -12.89
C MET B 156 1.32 -27.97 -12.98
N VAL B 157 1.46 -27.39 -14.17
CA VAL B 157 2.27 -26.19 -14.35
CA VAL B 157 2.27 -26.19 -14.36
C VAL B 157 1.44 -25.11 -15.01
N LYS B 158 1.54 -23.90 -14.48
CA LYS B 158 0.85 -22.76 -15.06
C LYS B 158 1.89 -21.67 -15.17
N VAL B 159 1.68 -20.75 -16.10
CA VAL B 159 2.61 -19.64 -16.27
C VAL B 159 1.84 -18.33 -16.10
N ALA B 160 2.37 -17.42 -15.28
CA ALA B 160 1.83 -16.08 -15.17
C ALA B 160 2.91 -15.16 -15.72
N SER B 161 2.53 -14.27 -16.62
CA SER B 161 3.49 -13.31 -17.16
C SER B 161 2.87 -11.93 -17.12
N LEU B 162 3.57 -10.97 -16.49
CA LEU B 162 3.08 -9.59 -16.47
C LEU B 162 2.78 -9.09 -17.88
N LEU B 163 3.74 -9.30 -18.79
CA LEU B 163 3.62 -8.79 -20.15
C LEU B 163 3.80 -9.89 -21.18
N VAL B 164 3.06 -9.79 -22.27
CA VAL B 164 3.24 -10.64 -23.43
C VAL B 164 3.28 -9.72 -24.64
N LYS B 165 4.36 -9.78 -25.43
CA LYS B 165 4.47 -8.92 -26.61
C LYS B 165 3.73 -9.55 -27.80
N ARG B 166 3.08 -8.72 -28.62
CA ARG B 166 2.52 -9.22 -29.88
C ARG B 166 3.65 -9.28 -30.90
N THR B 167 4.25 -10.46 -30.99
CA THR B 167 5.43 -10.66 -31.82
C THR B 167 5.48 -12.14 -32.22
N PRO B 168 6.06 -12.43 -33.42
CA PRO B 168 6.05 -13.83 -33.87
C PRO B 168 6.69 -14.78 -32.86
N ARG B 169 6.07 -15.94 -32.64
CA ARG B 169 6.50 -16.82 -31.57
C ARG B 169 6.42 -18.30 -32.00
N SER B 170 7.57 -18.89 -32.31
CA SER B 170 7.62 -20.28 -32.78
C SER B 170 7.15 -21.26 -31.71
N TYR B 173 3.29 -22.83 -26.27
CA TYR B 173 2.54 -22.61 -25.03
C TYR B 173 2.10 -21.15 -24.90
N LYS B 174 0.80 -20.95 -24.68
CA LYS B 174 0.28 -19.63 -24.33
C LYS B 174 0.20 -19.54 -22.82
N PRO B 175 0.65 -18.40 -22.24
CA PRO B 175 0.64 -18.33 -20.78
C PRO B 175 -0.77 -18.38 -20.21
N ASP B 176 -0.92 -18.95 -19.01
CA ASP B 176 -2.24 -19.10 -18.41
C ASP B 176 -2.80 -17.83 -17.79
N PHE B 177 -1.91 -16.99 -17.28
CA PHE B 177 -2.32 -15.73 -16.67
C PHE B 177 -1.47 -14.61 -17.24
N VAL B 178 -2.11 -13.63 -17.88
CA VAL B 178 -1.36 -12.55 -18.52
C VAL B 178 -1.79 -11.19 -17.98
N GLY B 179 -0.84 -10.34 -17.57
CA GLY B 179 -1.22 -9.02 -17.11
C GLY B 179 -1.69 -8.19 -18.30
N PHE B 180 -0.77 -7.89 -19.21
CA PHE B 180 -1.01 -6.95 -20.29
C PHE B 180 -0.43 -7.50 -21.58
N GLU B 181 -1.16 -7.37 -22.68
CA GLU B 181 -0.62 -7.73 -23.98
C GLU B 181 -0.22 -6.44 -24.69
N ILE B 182 1.06 -6.31 -25.02
CA ILE B 182 1.60 -5.02 -25.44
C ILE B 182 2.15 -5.08 -26.87
N PRO B 183 2.35 -3.90 -27.49
CA PRO B 183 2.96 -3.94 -28.82
C PRO B 183 4.42 -4.34 -28.74
N ASP B 184 5.05 -4.54 -29.88
CA ASP B 184 6.47 -4.88 -29.93
C ASP B 184 7.29 -3.60 -29.79
N LYS B 185 7.26 -3.04 -28.59
CA LYS B 185 8.06 -1.86 -28.25
C LYS B 185 8.96 -2.24 -27.08
N PHE B 186 10.14 -1.63 -26.98
CA PHE B 186 11.01 -1.93 -25.84
C PHE B 186 10.58 -1.15 -24.59
N VAL B 187 10.20 -1.87 -23.55
CA VAL B 187 9.71 -1.23 -22.34
C VAL B 187 10.65 -1.53 -21.18
N VAL B 188 10.66 -0.67 -20.18
CA VAL B 188 11.53 -0.85 -19.02
C VAL B 188 10.73 -0.44 -17.80
N GLY B 189 11.23 -0.77 -16.61
CA GLY B 189 10.55 -0.34 -15.40
C GLY B 189 9.83 -1.52 -14.75
N TYR B 190 9.39 -1.34 -13.49
CA TYR B 190 8.80 -2.44 -12.70
C TYR B 190 9.70 -3.69 -12.76
N ALA B 191 11.01 -3.46 -12.59
CA ALA B 191 12.06 -4.49 -12.58
C ALA B 191 12.58 -4.96 -13.95
N LEU B 192 11.91 -4.55 -15.02
CA LEU B 192 12.39 -4.82 -16.39
C LEU B 192 13.52 -3.84 -16.71
N ASP B 193 14.59 -4.33 -17.30
CA ASP B 193 15.79 -3.51 -17.47
C ASP B 193 16.20 -3.23 -18.91
N TYR B 194 17.08 -2.25 -19.05
CA TYR B 194 17.86 -2.07 -20.27
C TYR B 194 19.28 -2.00 -19.77
N ASN B 195 20.05 -3.06 -20.06
CA ASN B 195 21.42 -3.19 -19.56
CA ASN B 195 21.42 -3.18 -19.57
C ASN B 195 21.55 -2.94 -18.05
N GLU B 196 20.61 -3.52 -17.30
CA GLU B 196 20.58 -3.47 -15.83
C GLU B 196 20.00 -2.18 -15.25
N TYR B 197 19.81 -1.17 -16.09
CA TYR B 197 19.18 0.07 -15.64
C TYR B 197 17.66 0.01 -15.76
N PHE B 198 17.00 0.92 -15.04
CA PHE B 198 15.55 1.10 -15.02
C PHE B 198 14.80 0.07 -14.19
N ARG B 199 15.50 -0.82 -13.49
CA ARG B 199 14.78 -1.75 -12.63
C ARG B 199 14.19 -1.00 -11.46
N ASP B 200 14.84 0.13 -11.13
CA ASP B 200 14.45 0.98 -9.99
C ASP B 200 13.44 2.04 -10.42
N LEU B 201 12.44 1.61 -11.17
CA LEU B 201 11.39 2.49 -11.67
C LEU B 201 10.08 1.72 -11.46
N ASN B 202 9.08 2.38 -10.87
CA ASN B 202 7.85 1.66 -10.52
C ASN B 202 6.88 1.48 -11.70
N HIS B 203 6.93 2.42 -12.66
CA HIS B 203 6.04 2.37 -13.82
C HIS B 203 6.72 1.59 -14.94
N VAL B 204 5.93 1.01 -15.84
CA VAL B 204 6.51 0.50 -17.08
C VAL B 204 6.51 1.65 -18.08
N CYS B 205 7.65 1.91 -18.71
CA CYS B 205 7.81 3.09 -19.55
C CYS B 205 8.53 2.68 -20.82
N VAL B 206 8.41 3.55 -21.82
CA VAL B 206 9.12 3.36 -23.08
C VAL B 206 10.39 4.18 -23.00
N ILE B 207 11.50 3.51 -23.31
CA ILE B 207 12.81 4.12 -23.25
C ILE B 207 13.00 5.07 -24.43
N SER B 208 13.68 6.19 -24.20
CA SER B 208 13.92 7.17 -25.25
C SER B 208 15.22 6.84 -25.99
N GLU B 209 15.49 7.57 -27.08
CA GLU B 209 16.71 7.34 -27.84
C GLU B 209 17.93 7.73 -27.02
N THR B 210 17.86 8.88 -26.35
CA THR B 210 18.93 9.33 -25.47
C THR B 210 19.16 8.37 -24.30
N GLY B 211 18.09 7.72 -23.85
CA GLY B 211 18.21 6.68 -22.84
C GLY B 211 18.90 5.43 -23.39
N LYS B 212 18.59 5.08 -24.64
CA LYS B 212 19.22 3.93 -25.26
C LYS B 212 20.72 4.17 -25.44
N ALA B 213 21.07 5.39 -25.82
CA ALA B 213 22.47 5.75 -26.07
C ALA B 213 23.27 5.84 -24.77
N LYS B 214 22.66 6.43 -23.74
CA LYS B 214 23.34 6.63 -22.46
C LYS B 214 23.74 5.31 -21.79
N TYR B 215 22.81 4.37 -21.75
CA TYR B 215 23.03 3.11 -21.03
C TYR B 215 23.40 1.94 -21.94
N LYS B 216 23.79 2.24 -23.18
CA LYS B 216 24.19 1.19 -24.12
C LYS B 216 25.46 0.51 -23.65
N ALA B 217 25.51 -0.81 -23.78
CA ALA B 217 26.69 -1.59 -23.39
C ALA B 217 27.59 -1.85 -24.58
N SER C 4 -14.16 -8.91 20.48
CA SER C 4 -13.03 -8.75 21.38
C SER C 4 -13.00 -7.36 22.01
N PRO C 5 -12.34 -7.23 23.18
CA PRO C 5 -12.03 -5.91 23.74
C PRO C 5 -10.98 -5.22 22.88
N GLY C 6 -10.44 -5.95 21.91
CA GLY C 6 -9.48 -5.41 20.98
C GLY C 6 -8.05 -5.73 21.37
N VAL C 7 -7.10 -5.08 20.72
CA VAL C 7 -5.71 -5.20 21.11
C VAL C 7 -5.52 -4.42 22.40
N VAL C 8 -5.14 -5.12 23.47
CA VAL C 8 -4.96 -4.47 24.76
C VAL C 8 -3.56 -3.88 24.85
N ILE C 9 -3.49 -2.55 24.95
CA ILE C 9 -2.22 -1.88 25.20
C ILE C 9 -2.17 -1.61 26.70
N SER C 10 -1.22 -2.23 27.38
CA SER C 10 -1.22 -2.17 28.84
C SER C 10 -0.66 -0.84 29.35
N ASP C 11 -0.92 -0.55 30.63
CA ASP C 11 -0.56 0.73 31.23
C ASP C 11 0.95 0.98 31.19
N ASP C 12 1.71 -0.10 31.25
CA ASP C 12 3.17 0.00 31.22
C ASP C 12 3.73 -0.24 29.81
N GLU C 13 2.98 0.18 28.80
CA GLU C 13 3.48 0.13 27.43
C GLU C 13 4.47 1.26 27.18
N PRO C 14 5.73 0.91 26.87
CA PRO C 14 6.73 1.94 26.57
C PRO C 14 6.46 2.61 25.23
N GLY C 15 5.70 1.97 24.35
CA GLY C 15 5.57 2.47 22.99
C GLY C 15 6.95 2.49 22.35
N TYR C 16 7.17 3.42 21.41
CA TYR C 16 8.41 3.45 20.65
C TYR C 16 9.06 4.84 20.57
N ASP C 17 10.39 4.87 20.66
CA ASP C 17 11.16 6.09 20.49
C ASP C 17 10.87 6.66 19.10
N LEU C 18 10.65 7.97 19.02
CA LEU C 18 10.33 8.65 17.77
C LEU C 18 11.41 8.41 16.71
N ASP C 19 12.65 8.26 17.16
CA ASP C 19 13.79 8.17 16.25
C ASP C 19 13.85 6.87 15.44
N LEU C 20 12.96 5.94 15.74
CA LEU C 20 12.96 4.65 15.05
C LEU C 20 11.99 4.69 13.88
N PHE C 21 11.26 5.79 13.77
CA PHE C 21 10.23 5.97 12.75
C PHE C 21 10.42 7.26 11.95
N CYS C 22 9.64 7.37 10.87
CA CYS C 22 9.65 8.58 10.05
C CYS C 22 8.57 9.48 10.62
N ILE C 23 8.98 10.65 11.13
CA ILE C 23 8.07 11.57 11.81
C ILE C 23 8.22 12.97 11.21
N PRO C 24 7.10 13.67 10.96
CA PRO C 24 7.27 15.01 10.36
C PRO C 24 8.05 15.95 11.28
N ASN C 25 9.02 16.66 10.71
CA ASN C 25 9.93 17.51 11.47
C ASN C 25 9.24 18.57 12.33
N HIS C 26 8.04 18.99 11.93
CA HIS C 26 7.36 20.08 12.64
C HIS C 26 6.76 19.64 13.98
N TYR C 27 6.75 18.33 14.22
CA TYR C 27 6.29 17.78 15.49
C TYR C 27 7.41 17.12 16.31
N ALA C 28 8.67 17.33 15.92
CA ALA C 28 9.79 16.62 16.52
C ALA C 28 9.93 16.80 18.05
N GLU C 29 9.53 17.97 18.54
CA GLU C 29 9.60 18.31 19.96
C GLU C 29 8.31 18.03 20.74
N ASP C 30 7.22 17.82 20.01
CA ASP C 30 5.87 17.87 20.57
C ASP C 30 5.30 16.49 20.93
N LEU C 31 6.06 15.45 20.63
CA LEU C 31 5.57 14.09 20.88
C LEU C 31 6.53 13.40 21.84
N GLU C 32 5.99 12.59 22.74
CA GLU C 32 6.87 11.88 23.63
CA GLU C 32 6.80 11.83 23.68
C GLU C 32 7.28 10.53 23.05
N ARG C 33 6.34 9.80 22.46
CA ARG C 33 6.59 8.47 21.92
C ARG C 33 5.59 8.13 20.83
N VAL C 34 5.96 7.20 19.96
CA VAL C 34 4.97 6.57 19.09
C VAL C 34 4.23 5.55 19.95
N PHE C 35 2.89 5.58 19.94
CA PHE C 35 2.12 4.74 20.85
C PHE C 35 1.54 3.56 20.08
N ILE C 36 0.97 3.84 18.91
CA ILE C 36 0.48 2.81 18.02
C ILE C 36 0.93 3.14 16.61
N PRO C 37 1.95 2.42 16.12
CA PRO C 37 2.46 2.61 14.75
C PRO C 37 1.33 2.50 13.72
N HIS C 38 1.38 3.33 12.69
CA HIS C 38 0.38 3.33 11.61
C HIS C 38 0.12 1.94 11.08
N GLY C 39 1.19 1.19 10.81
CA GLY C 39 1.04 -0.11 10.19
C GLY C 39 0.31 -1.10 11.09
N LEU C 40 0.50 -0.98 12.39
CA LEU C 40 -0.22 -1.81 13.35
C LEU C 40 -1.71 -1.51 13.32
N ILE C 41 -2.03 -0.22 13.18
CA ILE C 41 -3.43 0.19 13.00
C ILE C 41 -4.02 -0.44 11.75
N MET C 42 -3.24 -0.46 10.67
CA MET C 42 -3.69 -1.05 9.43
C MET C 42 -3.98 -2.54 9.60
N ASP C 43 -3.07 -3.23 10.27
CA ASP C 43 -3.22 -4.67 10.46
C ASP C 43 -4.47 -4.99 11.28
N ARG C 44 -4.68 -4.23 12.34
CA ARG C 44 -5.83 -4.45 13.21
C ARG C 44 -7.10 -4.12 12.44
N THR C 45 -7.04 -3.05 11.66
CA THR C 45 -8.20 -2.60 10.89
C THR C 45 -8.59 -3.61 9.82
N GLU C 46 -7.59 -4.26 9.20
CA GLU C 46 -7.85 -5.33 8.26
C GLU C 46 -8.72 -6.41 8.89
N ARG C 47 -8.39 -6.78 10.11
CA ARG C 47 -9.13 -7.82 10.82
C ARG C 47 -10.52 -7.32 11.23
N LEU C 48 -10.63 -6.05 11.62
CA LEU C 48 -11.95 -5.51 11.98
C LEU C 48 -12.90 -5.49 10.79
N ALA C 49 -12.37 -5.21 9.61
CA ALA C 49 -13.20 -5.20 8.40
C ALA C 49 -13.81 -6.57 8.19
N ARG C 50 -13.03 -7.62 8.47
CA ARG C 50 -13.55 -8.97 8.32
C ARG C 50 -14.62 -9.26 9.36
N ASP C 51 -14.38 -8.83 10.60
CA ASP C 51 -15.36 -9.01 11.67
C ASP C 51 -16.68 -8.29 11.35
N VAL C 52 -16.57 -7.07 10.82
CA VAL C 52 -17.76 -6.30 10.42
C VAL C 52 -18.56 -7.02 9.35
N MET C 53 -17.86 -7.51 8.34
CA MET C 53 -18.53 -8.22 7.25
C MET C 53 -19.17 -9.52 7.71
N LYS C 54 -18.47 -10.25 8.58
CA LYS C 54 -19.01 -11.48 9.14
C LYS C 54 -20.33 -11.22 9.87
N GLU C 55 -20.41 -10.05 10.49
CA GLU C 55 -21.54 -9.68 11.35
C GLU C 55 -22.65 -8.90 10.62
N MET C 56 -22.27 -8.06 9.66
CA MET C 56 -23.22 -7.17 8.99
C MET C 56 -23.36 -7.42 7.49
N GLY C 57 -22.62 -8.40 6.96
CA GLY C 57 -22.53 -8.62 5.53
C GLY C 57 -23.82 -9.05 4.83
N GLY C 58 -24.85 -9.37 5.60
CA GLY C 58 -26.06 -9.91 5.02
C GLY C 58 -27.09 -8.86 4.61
N HIS C 59 -26.71 -7.59 4.66
CA HIS C 59 -27.62 -6.51 4.28
C HIS C 59 -26.88 -5.24 3.86
N HIS C 60 -27.61 -4.32 3.24
CA HIS C 60 -27.11 -2.99 2.93
C HIS C 60 -26.62 -2.35 4.22
N ILE C 61 -25.49 -1.66 4.14
CA ILE C 61 -24.91 -0.98 5.28
C ILE C 61 -24.82 0.51 4.96
N VAL C 62 -25.25 1.36 5.89
CA VAL C 62 -24.87 2.76 5.83
C VAL C 62 -23.74 2.97 6.82
N ALA C 63 -22.55 3.27 6.32
CA ALA C 63 -21.41 3.57 7.19
C ALA C 63 -21.40 5.06 7.55
N LEU C 64 -21.48 5.37 8.84
CA LEU C 64 -21.60 6.75 9.33
C LEU C 64 -20.30 7.23 9.98
N CYS C 65 -19.61 8.15 9.34
CA CYS C 65 -18.32 8.65 9.84
C CYS C 65 -18.54 9.78 10.83
N VAL C 66 -18.00 9.65 12.04
CA VAL C 66 -18.07 10.74 13.01
C VAL C 66 -16.85 11.66 12.83
N LEU C 67 -17.06 12.76 12.11
CA LEU C 67 -16.00 13.75 11.87
C LEU C 67 -15.67 14.49 13.17
N LYS C 68 -14.46 15.04 13.30
CA LYS C 68 -13.40 14.93 12.27
C LYS C 68 -12.46 13.76 12.53
N GLY C 69 -12.22 13.49 13.81
CA GLY C 69 -11.23 12.49 14.21
C GLY C 69 -11.50 11.11 13.63
N GLY C 70 -12.74 10.84 13.29
CA GLY C 70 -13.07 9.54 12.71
C GLY C 70 -12.63 9.34 11.27
N TYR C 71 -12.21 10.39 10.58
CA TYR C 71 -12.08 10.31 9.13
C TYR C 71 -11.05 9.30 8.60
N LYS C 72 -9.91 9.20 9.27
CA LYS C 72 -8.87 8.26 8.78
C LYS C 72 -9.26 6.79 8.98
N PHE C 73 -9.67 6.46 10.19
CA PHE C 73 -10.19 5.13 10.50
C PHE C 73 -11.31 4.74 9.54
N PHE C 74 -12.21 5.68 9.31
CA PHE C 74 -13.35 5.43 8.43
C PHE C 74 -12.90 5.10 7.02
N ALA C 75 -12.02 5.92 6.46
CA ALA C 75 -11.58 5.73 5.09
C ALA C 75 -10.86 4.39 4.94
N ASP C 76 -9.97 4.10 5.88
CA ASP C 76 -9.22 2.85 5.87
C ASP C 76 -10.08 1.62 6.12
N LEU C 77 -10.95 1.67 7.12
CA LEU C 77 -11.85 0.56 7.40
C LEU C 77 -12.69 0.26 6.18
N LEU C 78 -13.25 1.30 5.57
CA LEU C 78 -14.04 1.11 4.36
C LEU C 78 -13.22 0.54 3.20
N ASP C 79 -11.96 0.97 3.07
CA ASP C 79 -11.10 0.41 2.04
C ASP C 79 -10.87 -1.09 2.22
N TYR C 80 -10.70 -1.54 3.45
CA TYR C 80 -10.56 -2.97 3.72
C TYR C 80 -11.87 -3.74 3.46
N ILE C 81 -13.00 -3.15 3.83
CA ILE C 81 -14.32 -3.76 3.48
C ILE C 81 -14.50 -3.89 1.96
N LYS C 82 -14.13 -2.84 1.25
CA LYS C 82 -14.23 -2.85 -0.20
C LYS C 82 -13.34 -3.93 -0.81
N ALA C 83 -12.17 -4.14 -0.22
CA ALA C 83 -11.24 -5.17 -0.71
C ALA C 83 -11.88 -6.54 -0.55
N LEU C 84 -12.54 -6.74 0.59
CA LEU C 84 -13.32 -7.96 0.80
C LEU C 84 -14.42 -8.12 -0.24
N ASN C 85 -15.15 -7.04 -0.46
CA ASN C 85 -16.30 -7.06 -1.37
C ASN C 85 -15.95 -7.39 -2.81
N ARG C 86 -14.74 -7.04 -3.24
CA ARG C 86 -14.39 -7.25 -4.64
C ARG C 86 -13.56 -8.48 -4.87
N ASN C 87 -13.31 -9.24 -3.80
CA ASN C 87 -12.60 -10.51 -3.92
C ASN C 87 -13.37 -11.69 -3.37
N SER C 88 -14.65 -11.47 -3.09
CA SER C 88 -15.51 -12.53 -2.57
C SER C 88 -16.70 -12.73 -3.49
N ASP C 89 -17.32 -13.90 -3.40
CA ASP C 89 -18.53 -14.19 -4.17
C ASP C 89 -19.60 -13.17 -3.83
N ARG C 90 -20.00 -13.16 -2.57
CA ARG C 90 -21.04 -12.26 -2.11
C ARG C 90 -20.46 -10.92 -1.65
N SER C 91 -21.27 -9.89 -1.83
CA SER C 91 -20.98 -8.56 -1.32
C SER C 91 -22.31 -7.86 -1.19
N ILE C 92 -22.39 -6.88 -0.28
CA ILE C 92 -23.59 -6.07 -0.14
C ILE C 92 -23.17 -4.62 -0.26
N PRO C 93 -24.01 -3.79 -0.88
CA PRO C 93 -23.56 -2.40 -1.05
C PRO C 93 -23.44 -1.62 0.26
N MET C 94 -22.69 -0.54 0.19
CA MET C 94 -22.59 0.38 1.31
C MET C 94 -22.85 1.77 0.79
N THR C 95 -23.60 2.57 1.56
CA THR C 95 -23.63 4.00 1.30
C THR C 95 -22.88 4.65 2.45
N VAL C 96 -22.44 5.89 2.25
CA VAL C 96 -21.69 6.58 3.30
C VAL C 96 -22.36 7.88 3.71
N ASP C 97 -22.11 8.32 4.93
CA ASP C 97 -22.56 9.64 5.36
C ASP C 97 -21.60 10.14 6.42
N PHE C 98 -21.72 11.41 6.77
CA PHE C 98 -20.75 12.06 7.64
C PHE C 98 -21.52 12.96 8.58
N ILE C 99 -21.10 13.02 9.83
CA ILE C 99 -21.73 13.91 10.80
C ILE C 99 -20.68 14.44 11.76
N ARG C 100 -20.97 15.60 12.37
CA ARG C 100 -20.17 16.14 13.44
CA ARG C 100 -20.17 16.14 13.44
C ARG C 100 -21.08 16.26 14.66
N LEU C 101 -20.51 16.14 15.85
CA LEU C 101 -21.30 16.35 17.06
C LEU C 101 -20.92 17.66 17.76
N LYS C 102 -21.92 18.34 18.33
CA LYS C 102 -21.69 19.55 19.12
C LYS C 102 -22.39 19.47 20.49
N LYS C 114 -25.56 18.42 19.67
CA LYS C 114 -26.47 18.24 18.53
C LYS C 114 -25.75 17.77 17.26
N VAL C 115 -26.42 16.93 16.47
CA VAL C 115 -25.88 16.43 15.20
C VAL C 115 -25.90 17.52 14.13
N ILE C 116 -24.74 17.80 13.54
CA ILE C 116 -24.63 18.80 12.48
C ILE C 116 -24.17 18.19 11.16
N GLY C 117 -24.68 18.73 10.06
CA GLY C 117 -24.39 18.19 8.75
C GLY C 117 -25.06 16.84 8.58
N GLY C 118 -24.65 16.11 7.56
CA GLY C 118 -25.21 14.79 7.33
C GLY C 118 -26.54 14.83 6.62
N ASP C 119 -26.91 13.69 6.04
CA ASP C 119 -28.20 13.59 5.37
C ASP C 119 -29.31 13.61 6.41
N ASP C 120 -30.52 13.88 5.96
CA ASP C 120 -31.70 13.68 6.78
C ASP C 120 -31.57 12.27 7.35
N LEU C 121 -31.54 12.15 8.68
CA LEU C 121 -31.29 10.85 9.30
C LEU C 121 -32.39 9.83 9.02
N SER C 122 -33.41 10.23 8.26
CA SER C 122 -34.43 9.32 7.76
C SER C 122 -33.81 8.38 6.73
N THR C 123 -32.61 8.75 6.24
CA THR C 123 -31.85 7.89 5.33
C THR C 123 -31.37 6.65 6.08
N LEU C 124 -31.33 6.73 7.41
CA LEU C 124 -30.97 5.58 8.23
C LEU C 124 -32.17 4.68 8.50
N THR C 125 -33.37 5.17 8.19
CA THR C 125 -34.57 4.44 8.59
C THR C 125 -34.61 3.07 7.93
N GLY C 126 -34.70 2.03 8.75
CA GLY C 126 -34.78 0.66 8.25
C GLY C 126 -33.49 0.15 7.66
N LYS C 127 -32.39 0.83 7.94
CA LYS C 127 -31.10 0.41 7.39
CA LYS C 127 -31.08 0.45 7.40
C LYS C 127 -30.18 -0.17 8.46
N ASN C 128 -29.14 -0.87 8.03
CA ASN C 128 -28.10 -1.35 8.93
C ASN C 128 -27.02 -0.29 9.03
N VAL C 129 -26.86 0.31 10.21
CA VAL C 129 -25.98 1.46 10.36
C VAL C 129 -24.70 1.04 11.08
N LEU C 130 -23.57 1.41 10.49
CA LEU C 130 -22.27 1.23 11.13
C LEU C 130 -21.73 2.62 11.49
N ILE C 131 -21.65 2.92 12.78
CA ILE C 131 -21.11 4.20 13.20
C ILE C 131 -19.62 4.03 13.42
N VAL C 132 -18.83 4.91 12.83
CA VAL C 132 -17.38 4.79 12.93
C VAL C 132 -16.77 5.98 13.67
N GLU C 133 -16.11 5.69 14.78
CA GLU C 133 -15.61 6.69 15.70
C GLU C 133 -14.09 6.53 15.89
N ASP C 134 -13.40 7.61 16.27
CA ASP C 134 -11.97 7.48 16.58
C ASP C 134 -11.72 6.95 18.01
N ILE C 135 -12.47 7.46 18.98
CA ILE C 135 -12.18 7.11 20.37
C ILE C 135 -13.40 7.18 21.27
N ILE C 136 -13.53 6.21 22.16
CA ILE C 136 -14.54 6.27 23.21
C ILE C 136 -13.78 6.51 24.50
N ASP C 137 -14.22 7.50 25.28
CA ASP C 137 -13.58 7.80 26.56
C ASP C 137 -14.59 7.61 27.69
N THR C 138 -15.43 8.60 27.92
CA THR C 138 -16.44 8.49 28.97
C THR C 138 -17.58 7.66 28.42
N GLY C 139 -17.73 7.68 27.09
CA GLY C 139 -18.83 7.00 26.43
C GLY C 139 -20.06 7.86 26.25
N LYS C 140 -20.02 9.09 26.78
CA LYS C 140 -21.17 9.99 26.68
CA LYS C 140 -21.18 9.97 26.68
C LYS C 140 -21.52 10.37 25.25
N THR C 141 -20.50 10.63 24.43
CA THR C 141 -20.75 11.00 23.04
C THR C 141 -21.49 9.87 22.33
N MET C 142 -21.03 8.64 22.51
CA MET C 142 -21.66 7.51 21.81
C MET C 142 -23.05 7.23 22.36
N GLN C 143 -23.22 7.32 23.67
CA GLN C 143 -24.54 7.25 24.29
C GLN C 143 -25.50 8.20 23.58
N THR C 144 -25.06 9.44 23.40
CA THR C 144 -25.90 10.49 22.83
C THR C 144 -26.21 10.22 21.36
N LEU C 145 -25.19 9.85 20.59
CA LEU C 145 -25.38 9.57 19.16
C LEU C 145 -26.31 8.39 18.94
N LEU C 146 -26.09 7.30 19.69
CA LEU C 146 -26.94 6.13 19.60
C LEU C 146 -28.41 6.47 19.85
N SER C 147 -28.65 7.30 20.86
CA SER C 147 -30.02 7.74 21.16
C SER C 147 -30.60 8.54 20.00
N LEU C 148 -29.80 9.41 19.40
CA LEU C 148 -30.23 10.22 18.27
C LEU C 148 -30.61 9.35 17.06
N VAL C 149 -29.67 8.50 16.66
CA VAL C 149 -29.85 7.62 15.51
C VAL C 149 -31.08 6.76 15.66
N ARG C 150 -31.30 6.24 16.86
CA ARG C 150 -32.42 5.34 17.10
C ARG C 150 -33.79 6.03 16.94
N GLN C 151 -33.81 7.36 17.01
CA GLN C 151 -35.04 8.12 16.81
C GLN C 151 -35.49 8.05 15.35
N TYR C 152 -34.61 7.54 14.49
CA TYR C 152 -34.91 7.44 13.06
C TYR C 152 -35.14 5.99 12.63
N ASN C 153 -35.28 5.12 13.62
CA ASN C 153 -35.70 3.74 13.40
C ASN C 153 -34.82 2.92 12.45
N PRO C 154 -33.51 2.86 12.72
CA PRO C 154 -32.67 2.01 11.88
C PRO C 154 -33.01 0.56 12.18
N LYS C 155 -32.64 -0.34 11.28
CA LYS C 155 -32.93 -1.75 11.49
C LYS C 155 -31.96 -2.28 12.54
N MET C 156 -30.71 -1.85 12.41
CA MET C 156 -29.62 -2.32 13.26
C MET C 156 -28.58 -1.21 13.38
N VAL C 157 -27.96 -1.06 14.56
CA VAL C 157 -26.84 -0.13 14.73
C VAL C 157 -25.69 -0.80 15.43
N LYS C 158 -24.51 -0.76 14.81
CA LYS C 158 -23.30 -1.21 15.48
C LYS C 158 -22.29 -0.06 15.47
N VAL C 159 -21.38 -0.07 16.44
CA VAL C 159 -20.35 0.96 16.53
C VAL C 159 -18.96 0.33 16.39
N ALA C 160 -18.11 0.92 15.54
CA ALA C 160 -16.70 0.57 15.49
C ALA C 160 -15.92 1.78 16.01
N SER C 161 -15.03 1.57 16.98
CA SER C 161 -14.18 2.66 17.44
C SER C 161 -12.74 2.20 17.39
N LEU C 162 -11.88 3.00 16.77
CA LEU C 162 -10.47 2.65 16.69
C LEU C 162 -9.93 2.40 18.09
N LEU C 163 -10.26 3.30 19.01
CA LEU C 163 -9.71 3.25 20.37
C LEU C 163 -10.78 3.25 21.43
N VAL C 164 -10.53 2.53 22.51
CA VAL C 164 -11.39 2.60 23.69
C VAL C 164 -10.47 2.80 24.89
N LYS C 165 -10.75 3.81 25.71
CA LYS C 165 -9.90 4.08 26.85
C LYS C 165 -10.37 3.34 28.10
N ARG C 166 -9.44 2.82 28.88
CA ARG C 166 -9.78 2.31 30.20
C ARG C 166 -9.83 3.53 31.13
N THR C 167 -11.00 3.81 31.69
CA THR C 167 -11.16 4.97 32.57
C THR C 167 -12.29 4.78 33.56
N PRO C 168 -12.13 5.33 34.77
CA PRO C 168 -13.21 5.26 35.78
C PRO C 168 -14.41 6.11 35.39
N ARG C 169 -14.25 6.98 34.41
CA ARG C 169 -15.33 7.86 33.97
C ARG C 169 -16.30 7.20 32.99
N SER C 170 -15.92 6.02 32.49
CA SER C 170 -16.75 5.27 31.54
C SER C 170 -18.16 5.04 32.08
N VAL C 171 -19.17 5.33 31.27
CA VAL C 171 -20.55 5.13 31.69
C VAL C 171 -20.95 3.67 31.54
N GLY C 172 -20.06 2.88 30.93
CA GLY C 172 -20.30 1.46 30.79
C GLY C 172 -20.70 1.09 29.38
N TYR C 173 -20.56 2.03 28.45
CA TYR C 173 -20.84 1.74 27.06
C TYR C 173 -19.66 1.03 26.40
N LYS C 174 -19.92 -0.03 25.63
CA LYS C 174 -18.86 -0.73 24.88
C LYS C 174 -19.21 -0.95 23.42
N PRO C 175 -18.30 -0.55 22.51
CA PRO C 175 -18.56 -0.68 21.06
C PRO C 175 -18.58 -2.13 20.61
N ASP C 176 -19.19 -2.40 19.45
CA ASP C 176 -19.22 -3.74 18.90
C ASP C 176 -17.86 -4.14 18.34
N PHE C 177 -17.18 -3.19 17.71
CA PHE C 177 -15.87 -3.44 17.12
C PHE C 177 -14.88 -2.44 17.70
N VAL C 178 -13.78 -2.95 18.23
CA VAL C 178 -12.78 -2.11 18.87
C VAL C 178 -11.39 -2.41 18.34
N GLY C 179 -10.68 -1.39 17.88
CA GLY C 179 -9.31 -1.59 17.45
C GLY C 179 -8.37 -1.88 18.60
N PHE C 180 -8.21 -0.90 19.48
CA PHE C 180 -7.25 -0.98 20.57
C PHE C 180 -7.86 -0.49 21.87
N GLU C 181 -7.54 -1.16 22.98
CA GLU C 181 -7.98 -0.71 24.29
C GLU C 181 -6.75 -0.13 24.96
N ILE C 182 -6.82 1.15 25.34
CA ILE C 182 -5.64 1.90 25.74
C ILE C 182 -5.81 2.47 27.14
N PRO C 183 -4.70 2.83 27.80
CA PRO C 183 -4.79 3.54 29.08
C PRO C 183 -5.32 4.96 28.89
N ASP C 184 -5.65 5.64 29.97
CA ASP C 184 -6.12 7.02 29.84
C ASP C 184 -4.94 7.97 29.73
N LYS C 185 -4.25 7.93 28.59
CA LYS C 185 -3.24 8.91 28.22
C LYS C 185 -3.79 9.70 27.05
N PHE C 186 -3.33 10.95 26.90
CA PHE C 186 -3.80 11.77 25.78
C PHE C 186 -3.03 11.44 24.52
N VAL C 187 -3.72 10.86 23.53
CA VAL C 187 -3.06 10.42 22.31
C VAL C 187 -3.54 11.25 21.13
N VAL C 188 -2.67 11.38 20.13
CA VAL C 188 -2.96 12.18 18.95
C VAL C 188 -2.45 11.45 17.73
N GLY C 189 -2.83 11.91 16.55
CA GLY C 189 -2.34 11.29 15.35
C GLY C 189 -3.40 10.39 14.74
N TYR C 190 -3.17 9.93 13.51
CA TYR C 190 -4.15 9.17 12.73
C TYR C 190 -5.53 9.86 12.80
N ALA C 191 -5.51 11.17 12.55
CA ALA C 191 -6.69 12.06 12.57
C ALA C 191 -7.17 12.50 13.95
N LEU C 192 -6.60 11.93 15.01
CA LEU C 192 -6.92 12.41 16.36
C LEU C 192 -6.13 13.68 16.63
N ASP C 193 -6.78 14.65 17.25
CA ASP C 193 -6.15 15.96 17.40
C ASP C 193 -5.91 16.39 18.82
N TYR C 194 -5.03 17.38 18.96
CA TYR C 194 -4.99 18.22 20.14
C TYR C 194 -5.13 19.66 19.63
N ASN C 195 -6.27 20.27 19.95
CA ASN C 195 -6.59 21.60 19.42
CA ASN C 195 -6.62 21.59 19.41
C ASN C 195 -6.39 21.74 17.91
N GLU C 196 -6.91 20.77 17.15
CA GLU C 196 -6.85 20.72 15.68
C GLU C 196 -5.50 20.32 15.10
N TYR C 197 -4.45 20.31 15.92
CA TYR C 197 -3.14 19.86 15.46
C TYR C 197 -2.97 18.35 15.58
N PHE C 198 -1.95 17.84 14.89
CA PHE C 198 -1.52 16.44 14.95
C PHE C 198 -2.41 15.48 14.13
N ARG C 199 -3.44 16.01 13.49
CA ARG C 199 -4.29 15.17 12.65
C ARG C 199 -3.48 14.64 11.47
N ASP C 200 -2.49 15.43 11.04
CA ASP C 200 -1.65 15.15 9.88
C ASP C 200 -0.42 14.32 10.25
N LEU C 201 -0.65 13.32 11.08
CA LEU C 201 0.40 12.44 11.58
C LEU C 201 -0.16 11.05 11.36
N ASN C 202 0.62 10.13 10.80
CA ASN C 202 0.08 8.82 10.47
CA ASN C 202 0.15 8.79 10.44
C ASN C 202 0.02 7.84 11.65
N HIS C 203 0.94 8.00 12.61
CA HIS C 203 0.93 7.14 13.78
C HIS C 203 0.09 7.75 14.91
N VAL C 204 -0.38 6.92 15.83
CA VAL C 204 -0.92 7.43 17.10
C VAL C 204 0.25 7.62 18.06
N CYS C 205 0.31 8.77 18.71
CA CYS C 205 1.44 9.13 19.55
C CYS C 205 0.96 9.79 20.82
N VAL C 206 1.75 9.71 21.87
CA VAL C 206 1.46 10.44 23.09
C VAL C 206 2.10 11.82 22.92
N ILE C 207 1.31 12.85 23.16
CA ILE C 207 1.78 14.23 23.09
C ILE C 207 2.60 14.54 24.34
N SER C 208 3.67 15.33 24.20
CA SER C 208 4.50 15.73 25.32
C SER C 208 3.90 16.94 26.05
N GLU C 209 4.49 17.32 27.19
CA GLU C 209 4.05 18.52 27.89
C GLU C 209 4.43 19.77 27.07
N THR C 210 5.60 19.73 26.44
CA THR C 210 6.02 20.83 25.56
C THR C 210 5.04 21.05 24.41
N GLY C 211 4.55 19.95 23.83
CA GLY C 211 3.56 20.02 22.78
C GLY C 211 2.22 20.55 23.29
N LYS C 212 1.84 20.15 24.49
CA LYS C 212 0.58 20.59 25.08
C LYS C 212 0.56 22.11 25.28
N ALA C 213 1.72 22.67 25.58
CA ALA C 213 1.84 24.09 25.87
C ALA C 213 1.95 24.95 24.62
N LYS C 214 2.62 24.44 23.58
CA LYS C 214 2.76 25.17 22.33
C LYS C 214 1.41 25.31 21.62
N TYR C 215 0.59 24.27 21.72
CA TYR C 215 -0.64 24.18 20.93
C TYR C 215 -1.92 24.43 21.73
N LYS C 216 -1.80 24.73 23.01
CA LYS C 216 -2.99 25.04 23.81
C LYS C 216 -3.62 26.35 23.35
N ALA C 217 -4.93 26.43 23.46
CA ALA C 217 -5.65 27.61 23.00
C ALA C 217 -5.90 28.58 24.15
N SER D 4 22.41 2.82 16.72
CA SER D 4 21.03 2.34 16.82
C SER D 4 20.93 0.83 16.69
N PRO D 5 20.48 0.15 17.76
CA PRO D 5 20.31 -1.30 17.69
C PRO D 5 18.98 -1.66 17.05
N GLY D 6 18.24 -0.65 16.61
CA GLY D 6 16.92 -0.86 16.02
C GLY D 6 15.80 -0.91 17.05
N VAL D 7 14.62 -1.35 16.63
CA VAL D 7 13.51 -1.55 17.56
C VAL D 7 13.84 -2.77 18.43
N VAL D 8 14.01 -2.55 19.72
CA VAL D 8 14.39 -3.62 20.63
C VAL D 8 13.15 -4.36 21.13
N ILE D 9 13.09 -5.66 20.86
CA ILE D 9 12.00 -6.50 21.37
C ILE D 9 12.56 -7.29 22.55
N SER D 10 11.95 -7.14 23.72
CA SER D 10 12.51 -7.70 24.94
C SER D 10 12.31 -9.21 25.00
N ASP D 11 13.08 -9.85 25.88
CA ASP D 11 12.99 -11.29 26.09
C ASP D 11 11.58 -11.74 26.49
N ASP D 12 10.87 -10.88 27.21
CA ASP D 12 9.59 -11.25 27.77
C ASP D 12 8.38 -10.74 26.99
N GLU D 13 8.62 -10.21 25.79
CA GLU D 13 7.52 -9.76 24.93
C GLU D 13 6.61 -10.94 24.57
N PRO D 14 5.31 -10.82 24.90
CA PRO D 14 4.29 -11.84 24.66
C PRO D 14 3.80 -11.93 23.21
N GLY D 15 4.10 -10.92 22.39
CA GLY D 15 3.57 -10.88 21.04
C GLY D 15 2.07 -10.61 21.08
N TYR D 16 1.36 -10.94 20.00
CA TYR D 16 -0.08 -10.73 19.96
C TYR D 16 -0.86 -12.01 19.68
N ASP D 17 -2.01 -12.13 20.35
CA ASP D 17 -3.01 -13.17 20.08
C ASP D 17 -3.34 -13.18 18.59
N LEU D 18 -3.29 -14.36 17.98
CA LEU D 18 -3.55 -14.52 16.54
C LEU D 18 -4.96 -14.04 16.16
N ASP D 19 -5.89 -14.16 17.10
CA ASP D 19 -7.29 -13.81 16.83
C ASP D 19 -7.53 -12.31 16.58
N LEU D 20 -6.52 -11.51 16.89
CA LEU D 20 -6.61 -10.06 16.77
C LEU D 20 -6.23 -9.63 15.36
N PHE D 21 -5.71 -10.58 14.59
CA PHE D 21 -5.20 -10.28 13.27
C PHE D 21 -5.77 -11.20 12.19
N CYS D 22 -5.55 -10.85 10.93
CA CYS D 22 -5.94 -11.71 9.82
C CYS D 22 -4.76 -12.65 9.58
N ILE D 23 -5.01 -13.95 9.71
CA ILE D 23 -3.96 -14.98 9.60
C ILE D 23 -4.38 -15.99 8.54
N PRO D 24 -3.41 -16.47 7.72
CA PRO D 24 -3.80 -17.50 6.74
C PRO D 24 -4.32 -18.75 7.43
N ASN D 25 -5.48 -19.23 6.99
CA ASN D 25 -6.14 -20.37 7.61
C ASN D 25 -5.26 -21.61 7.72
N HIS D 26 -4.40 -21.81 6.74
CA HIS D 26 -3.62 -23.04 6.69
C HIS D 26 -2.48 -23.06 7.72
N TYR D 27 -2.18 -21.90 8.31
CA TYR D 27 -1.17 -21.81 9.36
C TYR D 27 -1.82 -21.60 10.74
N ALA D 28 -3.15 -21.61 10.79
CA ALA D 28 -3.90 -21.29 12.02
C ALA D 28 -3.38 -21.91 13.32
N GLU D 29 -3.26 -23.24 13.37
CA GLU D 29 -2.77 -23.88 14.60
C GLU D 29 -1.28 -24.20 14.57
N ASP D 30 -0.57 -23.63 13.60
CA ASP D 30 0.86 -23.88 13.45
C ASP D 30 1.66 -22.74 14.07
N LEU D 31 0.98 -21.66 14.43
CA LEU D 31 1.64 -20.49 14.99
C LEU D 31 1.17 -20.32 16.42
N GLU D 32 1.95 -19.62 17.23
CA GLU D 32 1.59 -19.40 18.63
CA GLU D 32 1.63 -19.40 18.63
C GLU D 32 1.14 -17.96 18.86
N ARG D 33 1.92 -17.01 18.35
CA ARG D 33 1.63 -15.58 18.52
C ARG D 33 2.12 -14.81 17.31
N VAL D 34 1.54 -13.64 17.05
CA VAL D 34 2.16 -12.70 16.12
C VAL D 34 3.24 -11.98 16.93
N PHE D 35 4.43 -11.87 16.38
CA PHE D 35 5.57 -11.34 17.13
C PHE D 35 5.88 -9.92 16.67
N ILE D 36 5.91 -9.73 15.37
CA ILE D 36 6.07 -8.40 14.80
C ILE D 36 5.06 -8.26 13.69
N PRO D 37 4.02 -7.44 13.92
CA PRO D 37 2.99 -7.27 12.89
C PRO D 37 3.58 -6.70 11.60
N HIS D 38 3.04 -7.13 10.47
CA HIS D 38 3.51 -6.67 9.16
C HIS D 38 3.62 -5.15 9.09
N GLY D 39 2.59 -4.47 9.55
CA GLY D 39 2.53 -3.01 9.46
C GLY D 39 3.65 -2.34 10.23
N LEU D 40 4.04 -2.94 11.35
CA LEU D 40 5.15 -2.42 12.15
CA LEU D 40 5.15 -2.40 12.14
C LEU D 40 6.45 -2.58 11.35
N ILE D 41 6.58 -3.71 10.66
CA ILE D 41 7.74 -3.94 9.82
C ILE D 41 7.78 -2.85 8.75
N MET D 42 6.64 -2.56 8.15
CA MET D 42 6.56 -1.49 7.13
C MET D 42 7.01 -0.13 7.67
N ASP D 43 6.46 0.27 8.82
CA ASP D 43 6.81 1.57 9.39
C ASP D 43 8.31 1.68 9.69
N ARG D 44 8.88 0.63 10.27
CA ARG D 44 10.32 0.61 10.55
C ARG D 44 11.14 0.63 9.26
N THR D 45 10.67 -0.10 8.26
CA THR D 45 11.36 -0.17 6.96
C THR D 45 11.35 1.19 6.27
N GLU D 46 10.25 1.94 6.42
CA GLU D 46 10.19 3.29 5.87
C GLU D 46 11.30 4.16 6.45
N ARG D 47 11.52 4.06 7.76
CA ARG D 47 12.59 4.85 8.37
C ARG D 47 13.95 4.36 7.89
N LEU D 48 14.11 3.04 7.80
CA LEU D 48 15.40 2.50 7.35
C LEU D 48 15.74 3.00 5.94
N ALA D 49 14.75 3.08 5.06
CA ALA D 49 15.01 3.56 3.69
C ALA D 49 15.60 4.97 3.74
N ARG D 50 15.08 5.79 4.63
CA ARG D 50 15.57 7.16 4.77
C ARG D 50 16.99 7.17 5.33
N ASP D 51 17.25 6.31 6.32
CA ASP D 51 18.61 6.20 6.87
C ASP D 51 19.58 5.73 5.78
N VAL D 52 19.15 4.76 4.98
CA VAL D 52 19.98 4.22 3.91
C VAL D 52 20.36 5.31 2.91
N MET D 53 19.36 6.06 2.46
CA MET D 53 19.64 7.12 1.48
CA MET D 53 19.60 7.15 1.50
C MET D 53 20.56 8.21 2.05
N LYS D 54 20.44 8.48 3.35
CA LYS D 54 21.29 9.50 3.97
C LYS D 54 22.75 9.08 3.92
N GLU D 55 23.02 7.79 4.10
CA GLU D 55 24.41 7.33 4.13
C GLU D 55 24.95 6.95 2.75
N MET D 56 24.08 6.45 1.88
CA MET D 56 24.48 5.78 0.65
C MET D 56 23.99 6.47 -0.62
N GLY D 57 23.14 7.49 -0.48
CA GLY D 57 22.52 8.13 -1.63
C GLY D 57 23.41 9.00 -2.50
N GLY D 58 24.71 9.05 -2.19
CA GLY D 58 25.59 9.95 -2.89
C GLY D 58 26.20 9.38 -4.16
N HIS D 59 26.00 8.08 -4.37
CA HIS D 59 26.61 7.42 -5.52
C HIS D 59 25.77 6.22 -5.89
N HIS D 60 25.89 5.77 -7.13
CA HIS D 60 25.18 4.57 -7.60
C HIS D 60 25.18 3.45 -6.57
N ILE D 61 23.99 2.98 -6.23
CA ILE D 61 23.82 1.90 -5.28
C ILE D 61 23.54 0.60 -6.00
N VAL D 62 24.24 -0.46 -5.60
CA VAL D 62 23.84 -1.81 -6.01
C VAL D 62 23.22 -2.48 -4.79
N ALA D 63 21.96 -2.84 -4.90
CA ALA D 63 21.26 -3.50 -3.80
C ALA D 63 21.28 -5.00 -4.05
N LEU D 64 21.87 -5.73 -3.10
CA LEU D 64 22.08 -7.17 -3.21
C LEU D 64 21.11 -7.91 -2.30
N CYS D 65 20.18 -8.66 -2.87
CA CYS D 65 19.21 -9.41 -2.08
C CYS D 65 19.78 -10.78 -1.71
N VAL D 66 19.85 -11.07 -0.42
CA VAL D 66 20.23 -12.40 0.05
C VAL D 66 19.01 -13.33 0.09
N LEU D 67 18.84 -14.13 -0.97
CA LEU D 67 17.71 -15.08 -1.09
C LEU D 67 17.87 -16.22 -0.10
N LYS D 68 16.80 -16.95 0.22
CA LYS D 68 15.43 -16.59 -0.19
C LYS D 68 14.80 -15.66 0.83
N GLY D 69 15.21 -15.80 2.10
CA GLY D 69 14.53 -15.13 3.19
C GLY D 69 14.59 -13.62 3.11
N GLY D 70 15.60 -13.09 2.42
CA GLY D 70 15.72 -11.66 2.27
C GLY D 70 14.73 -11.00 1.32
N TYR D 71 13.97 -11.79 0.56
CA TYR D 71 13.28 -11.23 -0.61
C TYR D 71 12.19 -10.22 -0.29
N LYS D 72 11.44 -10.43 0.78
CA LYS D 72 10.35 -9.52 1.11
C LYS D 72 10.89 -8.21 1.65
N PHE D 73 11.82 -8.32 2.59
CA PHE D 73 12.42 -7.11 3.16
C PHE D 73 13.09 -6.32 2.04
N PHE D 74 13.75 -7.04 1.12
CA PHE D 74 14.40 -6.42 -0.03
C PHE D 74 13.40 -5.67 -0.90
N ALA D 75 12.29 -6.32 -1.27
CA ALA D 75 11.33 -5.68 -2.18
C ALA D 75 10.77 -4.43 -1.53
N ASP D 76 10.44 -4.53 -0.25
CA ASP D 76 9.80 -3.42 0.46
C ASP D 76 10.74 -2.27 0.74
N LEU D 77 11.94 -2.59 1.22
CA LEU D 77 12.96 -1.58 1.46
C LEU D 77 13.26 -0.83 0.18
N LEU D 78 13.43 -1.56 -0.93
CA LEU D 78 13.67 -0.88 -2.20
C LEU D 78 12.50 -0.02 -2.66
N ASP D 79 11.27 -0.46 -2.39
CA ASP D 79 10.10 0.34 -2.78
C ASP D 79 10.07 1.64 -2.01
N TYR D 80 10.44 1.60 -0.73
CA TYR D 80 10.48 2.83 0.04
C TYR D 80 11.62 3.74 -0.45
N ILE D 81 12.74 3.15 -0.81
CA ILE D 81 13.84 3.94 -1.39
C ILE D 81 13.44 4.56 -2.73
N LYS D 82 12.77 3.79 -3.59
CA LYS D 82 12.27 4.35 -4.86
C LYS D 82 11.29 5.51 -4.64
N ALA D 83 10.44 5.37 -3.62
CA ALA D 83 9.50 6.43 -3.31
C ALA D 83 10.23 7.73 -2.94
N LEU D 84 11.32 7.60 -2.17
CA LEU D 84 12.12 8.78 -1.83
C LEU D 84 12.73 9.36 -3.10
N ASN D 85 13.21 8.50 -3.97
CA ASN D 85 13.95 8.94 -5.16
C ASN D 85 13.10 9.60 -6.23
N ARG D 86 11.80 9.33 -6.25
CA ARG D 86 10.95 9.96 -7.26
C ARG D 86 10.19 11.14 -6.67
N ASN D 87 10.51 11.48 -5.43
CA ASN D 87 9.85 12.62 -4.80
C ASN D 87 10.84 13.64 -4.24
N SER D 88 12.12 13.45 -4.55
CA SER D 88 13.16 14.39 -4.17
C SER D 88 13.76 15.09 -5.41
N ASP D 89 14.41 16.22 -5.18
CA ASP D 89 14.98 17.04 -6.25
C ASP D 89 16.03 16.30 -7.08
N ARG D 90 16.93 15.61 -6.40
CA ARG D 90 17.97 14.85 -7.09
C ARG D 90 17.96 13.41 -6.57
N SER D 91 18.38 12.49 -7.42
CA SER D 91 18.29 11.08 -7.11
C SER D 91 19.49 10.36 -7.71
N ILE D 92 19.70 9.09 -7.32
CA ILE D 92 20.80 8.29 -7.87
C ILE D 92 20.30 6.98 -8.46
N PRO D 93 20.97 6.49 -9.51
CA PRO D 93 20.51 5.19 -10.03
C PRO D 93 20.79 4.06 -9.04
N MET D 94 19.94 3.04 -9.09
CA MET D 94 20.13 1.86 -8.28
C MET D 94 19.98 0.64 -9.19
N THR D 95 20.89 -0.31 -9.07
CA THR D 95 20.75 -1.56 -9.81
C THR D 95 20.56 -2.66 -8.78
N VAL D 96 20.13 -3.83 -9.22
CA VAL D 96 19.86 -4.91 -8.27
C VAL D 96 20.52 -6.22 -8.68
N ASP D 97 20.84 -7.05 -7.69
CA ASP D 97 21.28 -8.41 -7.94
C ASP D 97 20.78 -9.30 -6.82
N PHE D 98 20.86 -10.60 -7.04
CA PHE D 98 20.37 -11.60 -6.11
C PHE D 98 21.42 -12.67 -5.94
N ILE D 99 21.74 -12.98 -4.69
CA ILE D 99 22.66 -14.07 -4.42
C ILE D 99 22.07 -15.01 -3.38
N ARG D 100 22.60 -16.21 -3.33
CA ARG D 100 22.23 -17.11 -2.26
C ARG D 100 23.53 -17.66 -1.71
N LEU D 101 23.56 -17.90 -0.41
CA LEU D 101 24.75 -18.46 0.22
C LEU D 101 24.43 -19.90 0.55
N LYS D 102 25.28 -20.82 0.12
CA LYS D 102 25.01 -22.24 0.29
C LYS D 102 25.93 -22.86 1.32
N SER D 103 25.34 -23.65 2.21
CA SER D 103 26.09 -24.32 3.25
C SER D 103 26.41 -25.74 2.83
N TYR D 104 27.67 -26.12 2.98
CA TYR D 104 28.10 -27.50 2.74
C TYR D 104 28.59 -28.09 4.05
N ASP D 112 31.27 -24.57 6.06
CA ASP D 112 31.69 -24.07 4.76
C ASP D 112 30.55 -23.39 4.02
N ILE D 113 30.79 -22.17 3.53
CA ILE D 113 29.74 -21.34 2.98
C ILE D 113 30.20 -20.56 1.74
N LYS D 114 29.43 -20.69 0.64
CA LYS D 114 29.82 -20.10 -0.65
C LYS D 114 28.68 -19.34 -1.34
N VAL D 115 29.04 -18.39 -2.20
CA VAL D 115 28.05 -17.60 -2.94
C VAL D 115 27.57 -18.30 -4.21
N ILE D 116 26.25 -18.44 -4.35
CA ILE D 116 25.65 -19.05 -5.54
C ILE D 116 24.89 -18.00 -6.34
N GLY D 117 25.15 -17.96 -7.65
CA GLY D 117 24.48 -17.03 -8.53
C GLY D 117 24.97 -15.60 -8.41
N GLY D 118 24.10 -14.67 -8.80
CA GLY D 118 24.48 -13.28 -8.84
C GLY D 118 25.14 -12.96 -10.16
N ASP D 119 25.33 -11.67 -10.43
CA ASP D 119 26.13 -11.25 -11.56
C ASP D 119 27.58 -11.52 -11.20
N ASP D 120 28.45 -11.49 -12.22
CA ASP D 120 29.87 -11.43 -11.95
C ASP D 120 30.07 -10.26 -11.00
N LEU D 121 30.75 -10.51 -9.88
CA LEU D 121 30.81 -9.52 -8.80
C LEU D 121 31.67 -8.30 -9.14
N SER D 122 32.27 -8.30 -10.33
CA SER D 122 32.99 -7.11 -10.79
C SER D 122 32.01 -5.96 -11.05
N THR D 123 30.71 -6.26 -11.06
CA THR D 123 29.69 -5.23 -11.18
C THR D 123 29.62 -4.39 -9.92
N LEU D 124 30.20 -4.90 -8.83
CA LEU D 124 30.19 -4.19 -7.55
C LEU D 124 31.30 -3.14 -7.46
N THR D 125 32.32 -3.28 -8.30
CA THR D 125 33.49 -2.39 -8.22
C THR D 125 33.09 -0.93 -8.39
N GLY D 126 33.42 -0.12 -7.37
CA GLY D 126 33.21 1.32 -7.42
C GLY D 126 31.80 1.77 -7.10
N LYS D 127 30.98 0.86 -6.55
CA LYS D 127 29.57 1.19 -6.28
C LYS D 127 29.33 1.18 -4.77
N ASN D 128 28.23 1.80 -4.35
CA ASN D 128 27.78 1.70 -2.97
C ASN D 128 26.92 0.44 -2.85
N VAL D 129 27.46 -0.61 -2.24
CA VAL D 129 26.75 -1.88 -2.21
C VAL D 129 25.94 -2.01 -0.93
N LEU D 130 24.63 -2.23 -1.09
CA LEU D 130 23.71 -2.48 0.04
C LEU D 130 23.30 -3.95 0.02
N ILE D 131 23.78 -4.70 1.02
CA ILE D 131 23.39 -6.09 1.17
C ILE D 131 22.15 -6.14 2.04
N VAL D 132 21.11 -6.83 1.59
CA VAL D 132 19.86 -6.88 2.33
C VAL D 132 19.57 -8.31 2.80
N GLU D 133 19.45 -8.47 4.11
CA GLU D 133 19.36 -9.79 4.75
C GLU D 133 18.09 -9.88 5.60
N ASP D 134 17.56 -11.09 5.78
CA ASP D 134 16.43 -11.27 6.71
C ASP D 134 16.87 -11.25 8.18
N ILE D 135 17.90 -12.01 8.51
CA ILE D 135 18.30 -12.12 9.91
C ILE D 135 19.78 -12.40 10.09
N ILE D 136 20.36 -11.75 11.10
CA ILE D 136 21.72 -12.03 11.56
C ILE D 136 21.57 -12.80 12.87
N ASP D 137 22.25 -13.94 12.98
CA ASP D 137 22.23 -14.72 14.21
C ASP D 137 23.65 -14.80 14.75
N THR D 138 24.43 -15.77 14.28
CA THR D 138 25.83 -15.85 14.69
C THR D 138 26.64 -14.76 14.01
N GLY D 139 26.22 -14.37 12.81
CA GLY D 139 26.96 -13.38 12.04
C GLY D 139 27.95 -14.00 11.06
N LYS D 140 28.07 -15.32 11.08
CA LYS D 140 29.02 -16.01 10.21
C LYS D 140 28.70 -15.87 8.73
N THR D 141 27.41 -15.91 8.39
CA THR D 141 27.01 -15.80 7.00
C THR D 141 27.44 -14.45 6.44
N MET D 142 27.21 -13.39 7.20
CA MET D 142 27.52 -12.04 6.74
CA MET D 142 27.52 -12.06 6.70
C MET D 142 29.02 -11.77 6.69
N GLN D 143 29.75 -12.24 7.70
CA GLN D 143 31.20 -12.04 7.68
C GLN D 143 31.78 -12.71 6.43
N THR D 144 31.22 -13.87 6.09
CA THR D 144 31.63 -14.62 4.90
C THR D 144 31.33 -13.82 3.62
N LEU D 145 30.10 -13.33 3.51
CA LEU D 145 29.70 -12.57 2.35
C LEU D 145 30.52 -11.28 2.22
N LEU D 146 30.76 -10.61 3.34
CA LEU D 146 31.51 -9.36 3.30
C LEU D 146 32.93 -9.57 2.78
N SER D 147 33.58 -10.63 3.26
CA SER D 147 34.92 -10.98 2.84
C SER D 147 35.02 -11.20 1.32
N LEU D 148 33.98 -11.78 0.73
CA LEU D 148 33.94 -11.94 -0.73
C LEU D 148 33.76 -10.59 -1.42
N VAL D 149 32.76 -9.84 -0.97
CA VAL D 149 32.41 -8.58 -1.62
C VAL D 149 33.55 -7.56 -1.62
N ARG D 150 34.25 -7.45 -0.51
CA ARG D 150 35.34 -6.48 -0.38
C ARG D 150 36.44 -6.66 -1.40
N GLN D 151 36.57 -7.88 -1.91
CA GLN D 151 37.64 -8.17 -2.86
C GLN D 151 37.40 -7.50 -4.21
N TYR D 152 36.17 -7.02 -4.41
CA TYR D 152 35.79 -6.40 -5.67
C TYR D 152 35.84 -4.89 -5.59
N ASN D 153 36.41 -4.40 -4.49
CA ASN D 153 36.60 -2.97 -4.29
CA ASN D 153 36.61 -2.98 -4.28
C ASN D 153 35.36 -2.13 -4.51
N PRO D 154 34.27 -2.42 -3.76
CA PRO D 154 33.13 -1.52 -3.87
C PRO D 154 33.53 -0.17 -3.29
N LYS D 155 32.80 0.89 -3.62
CA LYS D 155 33.09 2.19 -3.02
C LYS D 155 32.79 2.16 -1.53
N MET D 156 31.72 1.45 -1.17
CA MET D 156 31.38 1.18 0.22
C MET D 156 30.48 -0.04 0.23
N VAL D 157 30.43 -0.72 1.36
CA VAL D 157 29.51 -1.84 1.50
C VAL D 157 28.85 -1.75 2.87
N LYS D 158 27.53 -1.83 2.88
CA LYS D 158 26.74 -1.71 4.10
C LYS D 158 25.74 -2.85 4.12
N VAL D 159 25.34 -3.26 5.31
CA VAL D 159 24.39 -4.35 5.45
C VAL D 159 23.15 -3.87 6.18
N ALA D 160 21.97 -4.14 5.59
CA ALA D 160 20.71 -3.90 6.29
C ALA D 160 20.12 -5.28 6.58
N SER D 161 19.75 -5.50 7.83
CA SER D 161 19.15 -6.77 8.21
C SER D 161 17.85 -6.48 8.92
N LEU D 162 16.77 -7.14 8.50
CA LEU D 162 15.49 -6.88 9.13
C LEU D 162 15.57 -7.18 10.63
N LEU D 163 16.19 -8.30 10.96
CA LEU D 163 16.24 -8.79 12.34
C LEU D 163 17.68 -9.07 12.75
N VAL D 164 17.99 -8.79 14.00
CA VAL D 164 19.28 -9.18 14.57
C VAL D 164 18.95 -9.88 15.87
N LYS D 165 19.47 -11.11 16.04
CA LYS D 165 19.21 -11.90 17.24
C LYS D 165 20.22 -11.60 18.34
N ARG D 166 19.72 -11.41 19.56
CA ARG D 166 20.60 -11.38 20.73
C ARG D 166 20.96 -12.81 21.08
N THR D 167 22.22 -13.18 20.91
CA THR D 167 22.66 -14.55 21.20
C THR D 167 24.09 -14.56 21.72
N PRO D 168 24.40 -15.49 22.65
CA PRO D 168 25.78 -15.66 23.11
C PRO D 168 26.68 -16.26 22.01
N ARG D 169 26.09 -16.94 21.03
CA ARG D 169 26.83 -17.53 19.92
C ARG D 169 27.28 -16.49 18.88
N SER D 170 27.02 -15.22 19.15
CA SER D 170 27.40 -14.14 18.24
C SER D 170 28.92 -13.97 18.15
N VAL D 171 29.44 -13.88 16.93
CA VAL D 171 30.88 -13.66 16.73
C VAL D 171 31.19 -12.17 16.85
N GLY D 172 30.14 -11.37 17.00
CA GLY D 172 30.30 -9.96 17.23
C GLY D 172 30.00 -9.07 16.04
N TYR D 173 29.49 -9.65 14.94
CA TYR D 173 29.13 -8.82 13.78
C TYR D 173 27.81 -8.05 13.99
N LYS D 174 27.86 -6.74 13.75
CA LYS D 174 26.64 -5.93 13.78
C LYS D 174 26.42 -5.26 12.42
N PRO D 175 25.18 -5.33 11.90
CA PRO D 175 24.93 -4.74 10.58
C PRO D 175 24.81 -3.22 10.69
N ASP D 176 24.82 -2.55 9.56
CA ASP D 176 24.80 -1.09 9.55
C ASP D 176 23.39 -0.56 9.77
N PHE D 177 22.40 -1.31 9.28
CA PHE D 177 21.01 -0.91 9.43
C PHE D 177 20.24 -2.10 10.00
N VAL D 178 19.44 -1.87 11.03
CA VAL D 178 18.76 -2.98 11.72
C VAL D 178 17.30 -2.65 11.92
N GLY D 179 16.40 -3.53 11.49
CA GLY D 179 15.00 -3.31 11.73
C GLY D 179 14.66 -3.52 13.20
N PHE D 180 14.82 -4.76 13.67
CA PHE D 180 14.42 -5.16 15.00
C PHE D 180 15.50 -6.00 15.66
N GLU D 181 15.70 -5.80 16.96
CA GLU D 181 16.60 -6.66 17.70
C GLU D 181 15.74 -7.58 18.56
N ILE D 182 15.88 -8.89 18.36
CA ILE D 182 14.95 -9.85 18.93
C ILE D 182 15.63 -10.84 19.88
N PRO D 183 14.84 -11.48 20.76
CA PRO D 183 15.38 -12.52 21.64
C PRO D 183 15.83 -13.74 20.83
N ASP D 184 16.49 -14.69 21.49
CA ASP D 184 16.89 -15.94 20.85
C ASP D 184 15.71 -16.89 20.79
N LYS D 185 14.73 -16.54 19.96
CA LYS D 185 13.54 -17.36 19.71
C LYS D 185 13.49 -17.66 18.22
N PHE D 186 12.92 -18.79 17.82
CA PHE D 186 12.81 -19.08 16.39
C PHE D 186 11.58 -18.41 15.81
N VAL D 187 11.78 -17.57 14.81
CA VAL D 187 10.68 -16.82 14.20
C VAL D 187 10.52 -17.16 12.72
N VAL D 188 9.32 -16.97 12.20
CA VAL D 188 9.04 -17.24 10.80
C VAL D 188 8.12 -16.16 10.29
N GLY D 189 7.86 -16.14 8.98
CA GLY D 189 6.98 -15.15 8.39
C GLY D 189 7.75 -14.02 7.72
N TYR D 190 7.06 -13.23 6.89
CA TYR D 190 7.70 -12.16 6.11
C TYR D 190 8.93 -12.72 5.39
N ALA D 191 8.72 -13.89 4.76
CA ALA D 191 9.72 -14.61 3.96
C ALA D 191 10.71 -15.46 4.75
N LEU D 192 10.79 -15.28 6.06
CA LEU D 192 11.56 -16.20 6.89
C LEU D 192 10.86 -17.56 7.04
N ASP D 193 11.62 -18.65 6.96
CA ASP D 193 11.02 -19.98 6.88
C ASP D 193 11.37 -20.93 8.02
N TYR D 194 10.60 -22.00 8.09
CA TYR D 194 10.97 -23.19 8.82
C TYR D 194 10.78 -24.32 7.82
N ASN D 195 11.88 -24.94 7.42
CA ASN D 195 11.86 -25.96 6.37
C ASN D 195 11.05 -25.56 5.13
N GLU D 196 11.27 -24.32 4.69
CA GLU D 196 10.67 -23.76 3.46
C GLU D 196 9.23 -23.30 3.66
N TYR D 197 8.62 -23.64 4.78
CA TYR D 197 7.28 -23.20 5.10
C TYR D 197 7.25 -21.86 5.81
N PHE D 198 6.08 -21.23 5.84
CA PHE D 198 5.84 -19.95 6.52
C PHE D 198 6.38 -18.73 5.81
N ARG D 199 6.90 -18.90 4.60
CA ARG D 199 7.35 -17.71 3.89
C ARG D 199 6.15 -16.88 3.44
N ASP D 200 5.04 -17.56 3.18
CA ASP D 200 3.82 -16.94 2.66
C ASP D 200 2.93 -16.41 3.81
N LEU D 201 3.52 -15.54 4.62
CA LEU D 201 2.86 -15.01 5.81
C LEU D 201 3.43 -13.62 5.96
N ASN D 202 2.57 -12.62 6.16
CA ASN D 202 3.02 -11.23 6.18
CA ASN D 202 3.03 -11.24 6.17
C ASN D 202 3.64 -10.78 7.50
N HIS D 203 3.20 -11.41 8.59
CA HIS D 203 3.72 -11.07 9.91
C HIS D 203 4.91 -11.95 10.28
N VAL D 204 5.75 -11.48 11.18
CA VAL D 204 6.74 -12.35 11.80
C VAL D 204 6.10 -12.98 13.03
N CYS D 205 6.17 -14.30 13.12
CA CYS D 205 5.44 -15.00 14.15
C CYS D 205 6.34 -16.01 14.84
N VAL D 206 5.91 -16.48 16.01
CA VAL D 206 6.56 -17.63 16.62
C VAL D 206 5.73 -18.87 16.28
N ILE D 207 6.40 -19.95 15.92
CA ILE D 207 5.71 -21.17 15.47
C ILE D 207 5.33 -22.10 16.64
N SER D 208 4.16 -22.74 16.56
CA SER D 208 3.64 -23.56 17.66
C SER D 208 4.30 -24.93 17.73
N GLU D 209 3.97 -25.69 18.76
CA GLU D 209 4.45 -27.07 18.89
C GLU D 209 3.87 -27.94 17.79
N THR D 210 2.56 -27.82 17.58
CA THR D 210 1.88 -28.48 16.47
C THR D 210 2.60 -28.18 15.15
N GLY D 211 3.08 -26.95 15.00
CA GLY D 211 3.72 -26.50 13.77
C GLY D 211 5.12 -27.03 13.52
N LYS D 212 5.96 -26.99 14.54
CA LYS D 212 7.34 -27.47 14.41
C LYS D 212 7.35 -28.96 14.08
N ALA D 213 6.42 -29.69 14.69
CA ALA D 213 6.28 -31.12 14.48
C ALA D 213 5.80 -31.43 13.06
N LYS D 214 4.82 -30.64 12.62
CA LYS D 214 4.13 -30.84 11.36
C LYS D 214 5.06 -30.62 10.17
N TYR D 215 5.95 -29.64 10.30
CA TYR D 215 6.81 -29.24 9.20
C TYR D 215 8.25 -29.71 9.33
N LYS D 216 8.54 -30.33 10.47
CA LYS D 216 9.85 -30.92 10.74
C LYS D 216 10.32 -31.81 9.60
N ALA D 217 11.59 -31.68 9.23
CA ALA D 217 12.20 -32.53 8.22
C ALA D 217 11.96 -34.00 8.50
#